data_8A6C
#
_entry.id   8A6C
#
_cell.length_a   61.510
_cell.length_b   91.010
_cell.length_c   151.110
_cell.angle_alpha   90.000
_cell.angle_beta   90.000
_cell.angle_gamma   90.000
#
_symmetry.space_group_name_H-M   'P 2 21 21'
#
loop_
_entity.id
_entity.type
_entity.pdbx_description
1 polymer Rhodopsin
2 branched 2-acetamido-2-deoxy-beta-D-glucopyranose-(1-4)-2-acetamido-2-deoxy-beta-D-glucopyranose
3 non-polymer 'ACETYL GROUP'
4 non-polymer RETINAL
5 non-polymer 2-acetamido-2-deoxy-beta-D-glucopyranose
6 non-polymer 'LAURIC ACID'
7 non-polymer '(2R)-2,3-dihydroxypropyl (9Z)-octadec-9-enoate'
8 non-polymer 'PALMITIC ACID'
9 water water
#
_entity_poly.entity_id   1
_entity_poly.type   'polypeptide(L)'
_entity_poly.pdbx_seq_one_letter_code
;MNGTEGPNFYVPFSNKTGVVRSPFEAPQYYLAEPWQFSMLAAYMFLLIMLGFPINFLTLYVTVQHKKLRTPLNYILLNLA
VADLFMVFGGFTTTLYTSLHGYFVFGPTGCNLEGFFATLGGEIALWSLVVLAIERYVVVCKPMSNFRFGENHAIMGVAFT
WVMALACAAPPLVGWSRYIPEGMQCSCGIDYYTPHEETNNESFVIYMFVVHFIIPLIVIFFCYGQLVFTVKEAAAQQQES
ATTQKAEKEVTRMVIIMVIAFLICWLPYAGVAFYIFTHQGSDFGPIFMTIPAFFAKTSAVYNPVIYIMMNKQFRNCMVTT
LCCGKNPLGDDEASTTVSKTETSQVAPA
;
_entity_poly.pdbx_strand_id   A,B
#
loop_
_chem_comp.id
_chem_comp.type
_chem_comp.name
_chem_comp.formula
ACE non-polymer 'ACETYL GROUP' 'C2 H4 O'
DAO non-polymer 'LAURIC ACID' 'C12 H24 O2'
NAG D-saccharide, beta linking 2-acetamido-2-deoxy-beta-D-glucopyranose 'C8 H15 N O6'
OLC non-polymer '(2R)-2,3-dihydroxypropyl (9Z)-octadec-9-enoate' 'C21 H40 O4'
PLM non-polymer 'PALMITIC ACID' 'C16 H32 O2'
RET non-polymer RETINAL 'C20 H28 O'
#
# COMPACT_ATOMS: atom_id res chain seq x y z
N MET A 1 -1.38 -13.32 -37.79
CA MET A 1 -0.59 -13.44 -36.57
C MET A 1 0.58 -14.41 -36.72
N ASN A 2 1.76 -13.97 -36.31
CA ASN A 2 2.97 -14.75 -36.40
C ASN A 2 3.31 -15.50 -35.11
N GLY A 3 2.46 -15.38 -34.09
CA GLY A 3 2.64 -16.12 -32.86
C GLY A 3 1.47 -17.02 -32.56
N THR A 4 1.38 -17.53 -31.33
CA THR A 4 0.35 -18.48 -30.95
C THR A 4 -0.33 -17.98 -29.67
N GLU A 5 -1.61 -17.68 -29.77
CA GLU A 5 -2.39 -17.21 -28.62
C GLU A 5 -3.19 -18.36 -28.05
N GLY A 6 -3.20 -18.46 -26.72
CA GLY A 6 -4.03 -19.40 -26.01
C GLY A 6 -4.87 -18.66 -24.98
N PRO A 7 -5.52 -19.41 -24.09
CA PRO A 7 -6.46 -18.76 -23.15
C PRO A 7 -5.81 -17.73 -22.24
N ASN A 8 -4.57 -17.98 -21.81
CA ASN A 8 -3.89 -17.08 -20.89
C ASN A 8 -2.42 -16.86 -21.25
N PHE A 9 -2.05 -17.01 -22.52
CA PHE A 9 -0.67 -16.82 -22.93
C PHE A 9 -0.60 -16.36 -24.37
N TYR A 10 0.56 -15.82 -24.75
CA TYR A 10 0.87 -15.50 -26.15
C TYR A 10 2.33 -15.86 -26.39
N VAL A 11 2.57 -16.93 -27.14
CA VAL A 11 3.91 -17.40 -27.43
C VAL A 11 4.38 -16.74 -28.73
N PRO A 12 5.53 -16.05 -28.72
CA PRO A 12 6.04 -15.43 -29.96
C PRO A 12 6.72 -16.44 -30.88
N PHE A 13 5.95 -17.43 -31.32
CA PHE A 13 6.48 -18.52 -32.14
C PHE A 13 5.30 -19.16 -32.85
N SER A 14 5.41 -19.29 -34.17
CA SER A 14 4.32 -19.84 -34.97
C SER A 14 4.08 -21.30 -34.62
N ASN A 15 2.80 -21.69 -34.54
CA ASN A 15 2.42 -23.09 -34.37
C ASN A 15 2.11 -23.76 -35.70
N LYS A 16 2.74 -23.31 -36.79
CA LYS A 16 2.48 -23.90 -38.10
C LYS A 16 2.93 -25.36 -38.17
N THR A 17 3.96 -25.73 -37.40
CA THR A 17 4.42 -27.11 -37.38
C THR A 17 3.87 -27.91 -36.20
N GLY A 18 3.09 -27.28 -35.33
CA GLY A 18 2.41 -28.00 -34.27
C GLY A 18 3.20 -28.21 -32.99
N VAL A 19 4.41 -27.66 -32.86
CA VAL A 19 5.26 -27.98 -31.72
C VAL A 19 5.04 -27.07 -30.53
N VAL A 20 4.17 -26.06 -30.63
CA VAL A 20 4.00 -25.07 -29.58
C VAL A 20 3.19 -25.70 -28.44
N ARG A 21 3.70 -25.58 -27.22
N ARG A 21 3.70 -25.58 -27.21
CA ARG A 21 3.00 -26.09 -26.04
CA ARG A 21 3.05 -26.09 -26.02
C ARG A 21 2.92 -24.99 -24.99
C ARG A 21 2.91 -24.97 -25.00
N SER A 22 1.88 -25.06 -24.17
CA SER A 22 1.60 -24.00 -23.20
C SER A 22 2.76 -23.84 -22.23
N PRO A 23 3.14 -22.60 -21.91
CA PRO A 23 4.20 -22.36 -20.90
C PRO A 23 3.77 -22.65 -19.48
N PHE A 24 2.51 -23.02 -19.26
CA PHE A 24 2.04 -23.50 -17.96
C PHE A 24 1.98 -25.03 -17.91
N GLU A 25 2.44 -25.72 -18.95
CA GLU A 25 2.33 -27.18 -19.04
C GLU A 25 3.65 -27.89 -19.30
N ALA A 26 4.52 -27.35 -20.15
CA ALA A 26 5.67 -28.10 -20.62
C ALA A 26 6.87 -27.19 -20.79
N PRO A 27 8.08 -27.74 -20.71
CA PRO A 27 9.28 -26.95 -20.99
C PRO A 27 9.24 -26.35 -22.38
N GLN A 28 9.82 -25.17 -22.53
CA GLN A 28 9.71 -24.43 -23.78
C GLN A 28 10.90 -24.69 -24.70
N TYR A 29 11.41 -25.92 -24.70
CA TYR A 29 12.62 -26.23 -25.46
C TYR A 29 12.41 -26.16 -26.97
N TYR A 30 11.16 -26.06 -27.43
CA TYR A 30 10.92 -25.92 -28.87
C TYR A 30 11.34 -24.55 -29.40
N LEU A 31 11.48 -23.55 -28.52
CA LEU A 31 11.77 -22.19 -28.96
C LEU A 31 13.15 -21.68 -28.52
N ALA A 32 13.87 -22.43 -27.69
CA ALA A 32 15.23 -22.09 -27.31
C ALA A 32 15.91 -23.35 -26.79
N GLU A 33 17.23 -23.40 -26.91
CA GLU A 33 17.95 -24.57 -26.45
C GLU A 33 18.12 -24.55 -24.93
N PRO A 34 18.32 -25.71 -24.31
CA PRO A 34 18.44 -25.75 -22.85
C PRO A 34 19.53 -24.86 -22.29
N TRP A 35 20.68 -24.73 -22.97
CA TRP A 35 21.73 -23.90 -22.42
C TRP A 35 21.32 -22.43 -22.33
N GLN A 36 20.34 -22.00 -23.15
CA GLN A 36 19.86 -20.62 -23.06
C GLN A 36 19.02 -20.42 -21.79
N PHE A 37 18.17 -21.40 -21.46
CA PHE A 37 17.43 -21.33 -20.20
C PHE A 37 18.37 -21.39 -19.01
N SER A 38 19.42 -22.20 -19.09
N SER A 38 19.42 -22.21 -19.10
CA SER A 38 20.37 -22.30 -17.98
CA SER A 38 20.39 -22.30 -18.01
C SER A 38 21.10 -20.98 -17.75
C SER A 38 21.07 -20.97 -17.75
N MET A 39 21.29 -20.18 -18.80
CA MET A 39 21.90 -18.86 -18.63
C MET A 39 20.97 -17.93 -17.87
N LEU A 40 19.65 -18.03 -18.11
CA LEU A 40 18.71 -17.22 -17.35
C LEU A 40 18.73 -17.58 -15.87
N ALA A 41 18.85 -18.87 -15.56
CA ALA A 41 18.81 -19.31 -14.16
C ALA A 41 20.08 -18.92 -13.42
N ALA A 42 21.23 -18.99 -14.08
CA ALA A 42 22.48 -18.58 -13.44
C ALA A 42 22.47 -17.09 -13.14
N TYR A 43 21.90 -16.31 -14.05
CA TYR A 43 21.78 -14.86 -13.83
C TYR A 43 20.85 -14.55 -12.67
N MET A 44 19.73 -15.26 -12.56
CA MET A 44 18.81 -15.00 -11.44
C MET A 44 19.41 -15.43 -10.11
N PHE A 45 20.15 -16.54 -10.09
CA PHE A 45 20.81 -16.95 -8.86
C PHE A 45 21.81 -15.91 -8.40
N LEU A 46 22.51 -15.29 -9.34
CA LEU A 46 23.41 -14.19 -9.02
C LEU A 46 22.65 -13.05 -8.35
N LEU A 47 21.51 -12.66 -8.93
CA LEU A 47 20.80 -11.48 -8.43
C LEU A 47 20.20 -11.73 -7.05
N ILE A 48 19.77 -12.96 -6.77
CA ILE A 48 19.25 -13.28 -5.44
C ILE A 48 20.38 -13.26 -4.41
N MET A 49 21.50 -13.89 -4.73
CA MET A 49 22.58 -14.03 -3.76
C MET A 49 23.29 -12.70 -3.50
N LEU A 50 23.26 -11.79 -4.47
CA LEU A 50 23.72 -10.42 -4.27
C LEU A 50 22.62 -9.53 -3.70
N GLY A 51 21.39 -9.71 -4.19
CA GLY A 51 20.32 -8.81 -3.81
C GLY A 51 19.96 -8.87 -2.33
N PHE A 52 19.89 -10.08 -1.77
CA PHE A 52 19.50 -10.21 -0.37
C PHE A 52 20.50 -9.56 0.59
N PRO A 53 21.82 -9.81 0.49
CA PRO A 53 22.72 -9.19 1.47
C PRO A 53 22.85 -7.68 1.35
N ILE A 54 22.95 -7.15 0.14
N ILE A 54 22.98 -7.15 0.14
CA ILE A 54 23.20 -5.72 0.00
CA ILE A 54 23.19 -5.72 -0.03
C ILE A 54 21.99 -4.89 0.43
C ILE A 54 21.99 -4.93 0.49
N ASN A 55 20.78 -5.38 0.15
CA ASN A 55 19.58 -4.68 0.61
C ASN A 55 19.34 -4.87 2.10
N PHE A 56 19.60 -6.06 2.64
CA PHE A 56 19.45 -6.26 4.07
C PHE A 56 20.44 -5.42 4.86
N LEU A 57 21.66 -5.27 4.35
N LEU A 57 21.67 -5.28 4.36
CA LEU A 57 22.65 -4.46 5.04
CA LEU A 57 22.66 -4.45 5.05
C LEU A 57 22.26 -2.98 5.04
C LEU A 57 22.23 -2.98 5.04
N THR A 58 21.65 -2.51 3.93
CA THR A 58 21.18 -1.14 3.88
C THR A 58 20.06 -0.90 4.89
N LEU A 59 19.15 -1.87 5.03
CA LEU A 59 18.09 -1.76 6.03
C LEU A 59 18.67 -1.76 7.44
N TYR A 60 19.57 -2.70 7.71
CA TYR A 60 20.14 -2.84 9.05
C TYR A 60 20.94 -1.58 9.45
N VAL A 61 21.82 -1.11 8.55
CA VAL A 61 22.64 0.05 8.86
C VAL A 61 21.77 1.28 9.09
N THR A 62 20.71 1.45 8.29
CA THR A 62 19.88 2.64 8.42
C THR A 62 19.17 2.68 9.76
N VAL A 63 18.60 1.54 10.18
CA VAL A 63 17.87 1.48 11.44
C VAL A 63 18.81 1.67 12.63
N GLN A 64 20.03 1.13 12.52
CA GLN A 64 20.98 1.17 13.65
C GLN A 64 21.41 2.58 13.99
N HIS A 65 21.73 3.40 12.99
CA HIS A 65 22.32 4.71 13.21
C HIS A 65 21.24 5.78 13.15
N LYS A 66 20.89 6.34 14.32
CA LYS A 66 19.78 7.28 14.41
C LYS A 66 20.02 8.56 13.61
N LYS A 67 21.26 8.85 13.25
CA LYS A 67 21.57 10.06 12.50
C LYS A 67 21.06 10.01 11.06
N LEU A 68 20.76 8.83 10.54
CA LEU A 68 20.39 8.67 9.12
C LEU A 68 18.89 8.85 8.95
N ARG A 69 18.44 10.10 9.07
CA ARG A 69 17.01 10.41 8.99
C ARG A 69 16.73 11.57 8.05
N THR A 70 17.59 11.79 7.04
CA THR A 70 17.26 12.76 6.01
C THR A 70 16.20 12.17 5.08
N PRO A 71 15.55 13.02 4.27
CA PRO A 71 14.65 12.46 3.25
C PRO A 71 15.31 11.44 2.34
N LEU A 72 16.58 11.66 1.99
CA LEU A 72 17.30 10.68 1.19
C LEU A 72 17.44 9.35 1.94
N ASN A 73 17.74 9.40 3.24
CA ASN A 73 17.90 8.17 4.00
C ASN A 73 16.60 7.39 4.07
N TYR A 74 15.47 8.08 4.26
CA TYR A 74 14.17 7.39 4.32
C TYR A 74 13.84 6.72 3.00
N ILE A 75 14.06 7.42 1.88
N ILE A 75 14.08 7.41 1.88
CA ILE A 75 13.73 6.88 0.57
CA ILE A 75 13.70 6.85 0.58
C ILE A 75 14.59 5.67 0.26
C ILE A 75 14.60 5.66 0.24
N LEU A 76 15.88 5.73 0.58
CA LEU A 76 16.77 4.60 0.32
C LEU A 76 16.39 3.40 1.19
N LEU A 77 15.99 3.64 2.44
CA LEU A 77 15.45 2.57 3.27
C LEU A 77 14.19 1.97 2.66
N ASN A 78 13.29 2.82 2.17
CA ASN A 78 12.09 2.31 1.50
C ASN A 78 12.45 1.45 0.29
N LEU A 79 13.44 1.89 -0.49
CA LEU A 79 13.85 1.11 -1.66
C LEU A 79 14.46 -0.23 -1.26
N ALA A 80 15.25 -0.26 -0.18
CA ALA A 80 15.80 -1.54 0.29
C ALA A 80 14.69 -2.50 0.70
N VAL A 81 13.59 -1.99 1.25
CA VAL A 81 12.49 -2.86 1.65
C VAL A 81 11.77 -3.42 0.43
N ALA A 82 11.49 -2.56 -0.56
CA ALA A 82 10.84 -3.01 -1.78
C ALA A 82 11.74 -3.96 -2.55
N ASP A 83 13.05 -3.70 -2.55
CA ASP A 83 13.99 -4.61 -3.19
C ASP A 83 13.92 -6.00 -2.56
N LEU A 84 13.83 -6.08 -1.22
CA LEU A 84 13.76 -7.38 -0.56
C LEU A 84 12.49 -8.12 -0.95
N PHE A 85 11.37 -7.39 -1.07
CA PHE A 85 10.14 -8.00 -1.56
C PHE A 85 10.30 -8.54 -2.97
N MET A 86 11.04 -7.83 -3.82
CA MET A 86 11.30 -8.32 -5.18
C MET A 86 12.08 -9.63 -5.13
N VAL A 87 13.08 -9.71 -4.26
CA VAL A 87 14.00 -10.85 -4.26
C VAL A 87 13.30 -12.12 -3.80
N PHE A 88 12.56 -12.04 -2.69
CA PHE A 88 11.97 -13.23 -2.10
C PHE A 88 10.56 -13.50 -2.59
N GLY A 89 9.78 -12.45 -2.84
CA GLY A 89 8.45 -12.64 -3.39
C GLY A 89 8.46 -12.99 -4.85
N GLY A 90 9.31 -12.33 -5.64
CA GLY A 90 9.29 -12.53 -7.08
C GLY A 90 10.43 -13.34 -7.69
N PHE A 91 11.68 -13.04 -7.30
CA PHE A 91 12.84 -13.64 -7.97
C PHE A 91 13.00 -15.12 -7.65
N THR A 92 12.45 -15.59 -6.52
CA THR A 92 12.49 -17.02 -6.23
C THR A 92 11.68 -17.81 -7.26
N THR A 93 10.55 -17.27 -7.71
CA THR A 93 9.77 -17.93 -8.75
C THR A 93 10.49 -17.88 -10.09
N THR A 94 11.18 -16.78 -10.40
CA THR A 94 11.91 -16.72 -11.67
C THR A 94 12.98 -17.82 -11.74
N LEU A 95 13.76 -17.97 -10.66
CA LEU A 95 14.83 -18.97 -10.66
C LEU A 95 14.26 -20.37 -10.87
N TYR A 96 13.25 -20.74 -10.09
CA TYR A 96 12.63 -22.06 -10.23
C TYR A 96 12.06 -22.25 -11.63
N THR A 97 11.36 -21.24 -12.14
CA THR A 97 10.80 -21.32 -13.49
C THR A 97 11.89 -21.48 -14.55
N SER A 98 12.95 -20.70 -14.45
N SER A 98 12.97 -20.70 -14.43
CA SER A 98 14.04 -20.76 -15.43
CA SER A 98 14.04 -20.78 -15.43
C SER A 98 14.84 -22.06 -15.32
C SER A 98 14.82 -22.08 -15.33
N LEU A 99 14.86 -22.70 -14.14
CA LEU A 99 15.51 -24.00 -14.01
C LEU A 99 14.77 -25.07 -14.81
N HIS A 100 13.44 -25.03 -14.77
CA HIS A 100 12.61 -26.05 -15.38
C HIS A 100 12.19 -25.74 -16.80
N GLY A 101 12.41 -24.52 -17.28
CA GLY A 101 12.02 -24.15 -18.63
C GLY A 101 10.58 -23.75 -18.82
N TYR A 102 9.78 -23.66 -17.74
CA TYR A 102 8.39 -23.20 -17.84
C TYR A 102 7.86 -22.95 -16.43
N PHE A 103 6.68 -22.31 -16.38
CA PHE A 103 6.01 -21.96 -15.13
C PHE A 103 5.36 -23.20 -14.54
N VAL A 104 6.17 -23.99 -13.84
CA VAL A 104 5.68 -25.17 -13.12
C VAL A 104 4.59 -24.77 -12.14
N PHE A 105 4.73 -23.60 -11.50
CA PHE A 105 3.74 -23.08 -10.57
C PHE A 105 2.51 -22.50 -11.27
N GLY A 106 2.52 -22.40 -12.59
CA GLY A 106 1.35 -22.03 -13.34
C GLY A 106 1.04 -20.56 -13.29
N PRO A 107 -0.24 -20.21 -13.51
CA PRO A 107 -0.63 -18.79 -13.45
C PRO A 107 -0.37 -18.12 -12.12
N THR A 108 -0.49 -18.85 -11.00
CA THR A 108 -0.13 -18.29 -9.70
C THR A 108 1.33 -17.85 -9.68
N GLY A 109 2.22 -18.66 -10.26
CA GLY A 109 3.63 -18.29 -10.30
C GLY A 109 3.89 -17.08 -11.17
N CYS A 110 3.13 -16.96 -12.26
CA CYS A 110 3.24 -15.78 -13.12
C CYS A 110 2.77 -14.53 -12.40
N ASN A 111 1.70 -14.63 -11.60
CA ASN A 111 1.23 -13.49 -10.84
C ASN A 111 2.27 -13.05 -9.80
N LEU A 112 2.91 -14.00 -9.12
CA LEU A 112 3.95 -13.64 -8.17
C LEU A 112 5.13 -12.99 -8.87
N GLU A 113 5.55 -13.55 -10.01
CA GLU A 113 6.73 -13.03 -10.70
C GLU A 113 6.50 -11.60 -11.18
N GLY A 114 5.32 -11.33 -11.74
CA GLY A 114 5.03 -10.04 -12.32
C GLY A 114 4.63 -8.98 -11.33
N PHE A 115 3.81 -9.35 -10.32
CA PHE A 115 3.32 -8.39 -9.35
C PHE A 115 4.46 -7.73 -8.59
N PHE A 116 5.40 -8.52 -8.08
CA PHE A 116 6.43 -7.95 -7.23
C PHE A 116 7.46 -7.17 -8.03
N ALA A 117 7.64 -7.50 -9.31
CA ALA A 117 8.53 -6.70 -10.16
C ALA A 117 7.89 -5.38 -10.56
N THR A 118 6.59 -5.40 -10.88
CA THR A 118 5.88 -4.18 -11.22
C THR A 118 5.74 -3.26 -10.01
N LEU A 119 5.42 -3.84 -8.85
CA LEU A 119 5.32 -3.06 -7.62
C LEU A 119 6.65 -2.40 -7.27
N GLY A 120 7.74 -3.18 -7.29
CA GLY A 120 9.02 -2.64 -6.89
C GLY A 120 9.56 -1.59 -7.86
N GLY A 121 9.33 -1.81 -9.16
CA GLY A 121 9.74 -0.81 -10.13
C GLY A 121 8.98 0.50 -10.00
N GLU A 122 7.68 0.42 -9.72
CA GLU A 122 6.88 1.64 -9.60
C GLU A 122 7.18 2.38 -8.30
N ILE A 123 7.51 1.66 -7.23
CA ILE A 123 7.97 2.33 -6.01
C ILE A 123 9.22 3.14 -6.30
N ALA A 124 10.14 2.58 -7.08
CA ALA A 124 11.37 3.29 -7.41
C ALA A 124 11.10 4.54 -8.23
N LEU A 125 10.16 4.46 -9.19
CA LEU A 125 9.89 5.61 -10.04
C LEU A 125 9.19 6.73 -9.29
N TRP A 126 8.19 6.39 -8.46
CA TRP A 126 7.53 7.42 -7.68
C TRP A 126 8.41 7.91 -6.53
N SER A 127 9.40 7.12 -6.11
CA SER A 127 10.40 7.63 -5.18
C SER A 127 11.26 8.71 -5.83
N LEU A 128 11.57 8.57 -7.11
CA LEU A 128 12.32 9.61 -7.81
C LEU A 128 11.50 10.89 -7.93
N VAL A 129 10.17 10.77 -8.07
CA VAL A 129 9.33 11.96 -8.07
C VAL A 129 9.44 12.68 -6.73
N VAL A 130 9.44 11.92 -5.63
CA VAL A 130 9.57 12.51 -4.30
C VAL A 130 10.91 13.20 -4.15
N LEU A 131 11.98 12.53 -4.57
CA LEU A 131 13.32 13.13 -4.46
C LEU A 131 13.43 14.38 -5.31
N ALA A 132 12.83 14.38 -6.50
CA ALA A 132 12.89 15.55 -7.36
C ALA A 132 12.21 16.74 -6.71
N ILE A 133 11.04 16.53 -6.10
CA ILE A 133 10.34 17.60 -5.40
C ILE A 133 11.17 18.08 -4.21
N GLU A 134 11.74 17.15 -3.44
CA GLU A 134 12.54 17.54 -2.28
C GLU A 134 13.74 18.38 -2.71
N ARG A 135 14.42 17.98 -3.78
CA ARG A 135 15.55 18.75 -4.29
C ARG A 135 15.13 20.13 -4.75
N TYR A 136 14.02 20.21 -5.50
CA TYR A 136 13.54 21.48 -6.01
C TYR A 136 13.15 22.43 -4.88
N VAL A 137 12.53 21.91 -3.82
CA VAL A 137 12.15 22.75 -2.68
C VAL A 137 13.38 23.23 -1.94
N VAL A 138 14.32 22.33 -1.64
CA VAL A 138 15.47 22.70 -0.84
C VAL A 138 16.40 23.63 -1.60
N VAL A 139 16.62 23.37 -2.89
CA VAL A 139 17.62 24.12 -3.63
C VAL A 139 17.06 25.45 -4.13
N CYS A 140 15.83 25.44 -4.68
CA CYS A 140 15.24 26.64 -5.27
C CYS A 140 14.47 27.48 -4.24
N LYS A 141 14.09 26.89 -3.11
CA LYS A 141 13.33 27.54 -2.05
C LYS A 141 12.15 28.36 -2.57
N PRO A 142 11.19 27.72 -3.27
CA PRO A 142 10.06 28.48 -3.80
C PRO A 142 8.97 28.74 -2.76
N ARG A 147 9.80 24.24 4.76
CA ARG A 147 10.95 23.37 4.48
C ARG A 147 10.55 21.90 4.48
N PHE A 148 11.04 21.16 3.50
CA PHE A 148 10.77 19.73 3.43
C PHE A 148 11.38 19.04 4.63
N GLY A 149 10.55 18.34 5.41
CA GLY A 149 11.06 17.69 6.61
C GLY A 149 10.74 16.22 6.73
N GLU A 150 10.97 15.69 7.93
CA GLU A 150 10.74 14.27 8.18
C GLU A 150 9.32 13.87 7.84
N ASN A 151 8.34 14.68 8.26
CA ASN A 151 6.94 14.38 7.95
C ASN A 151 6.70 14.33 6.46
N HIS A 152 7.29 15.25 5.71
CA HIS A 152 7.14 15.25 4.25
C HIS A 152 7.75 14.01 3.64
N ALA A 153 8.93 13.59 4.12
CA ALA A 153 9.61 12.43 3.56
C ALA A 153 8.81 11.16 3.81
N ILE A 154 8.33 10.96 5.04
CA ILE A 154 7.59 9.75 5.35
C ILE A 154 6.26 9.73 4.60
N MET A 155 5.60 10.89 4.52
CA MET A 155 4.38 10.99 3.72
C MET A 155 4.66 10.59 2.27
N GLY A 156 5.82 10.99 1.74
CA GLY A 156 6.19 10.57 0.40
C GLY A 156 6.38 9.08 0.29
N VAL A 157 6.93 8.45 1.34
CA VAL A 157 7.13 7.00 1.32
C VAL A 157 5.79 6.29 1.16
N ALA A 158 4.83 6.63 2.02
CA ALA A 158 3.51 6.01 1.93
C ALA A 158 2.86 6.30 0.58
N PHE A 159 3.11 7.48 0.03
CA PHE A 159 2.58 7.84 -1.28
C PHE A 159 3.13 6.95 -2.38
N THR A 160 4.39 6.52 -2.27
CA THR A 160 4.95 5.66 -3.31
C THR A 160 4.27 4.30 -3.33
N TRP A 161 3.92 3.75 -2.16
CA TRP A 161 3.23 2.46 -2.13
C TRP A 161 1.81 2.55 -2.69
N VAL A 162 1.10 3.64 -2.39
CA VAL A 162 -0.26 3.80 -2.89
C VAL A 162 -0.27 3.87 -4.41
N MET A 163 0.61 4.69 -4.98
CA MET A 163 0.68 4.79 -6.43
C MET A 163 1.13 3.48 -7.06
N ALA A 164 2.11 2.81 -6.46
CA ALA A 164 2.62 1.58 -7.08
C ALA A 164 1.57 0.47 -7.06
N LEU A 165 0.78 0.39 -5.98
CA LEU A 165 -0.29 -0.60 -5.94
C LEU A 165 -1.43 -0.24 -6.88
N ALA A 166 -1.64 1.06 -7.14
CA ALA A 166 -2.64 1.47 -8.12
C ALA A 166 -2.30 0.99 -9.52
N CYS A 167 -1.04 0.68 -9.79
CA CYS A 167 -0.57 0.13 -11.06
C CYS A 167 -0.44 -1.39 -11.02
N ALA A 168 0.06 -1.95 -9.92
CA ALA A 168 0.43 -3.37 -9.90
C ALA A 168 -0.73 -4.29 -9.56
N ALA A 169 -1.72 -3.82 -8.80
CA ALA A 169 -2.79 -4.66 -8.27
C ALA A 169 -3.91 -5.00 -9.25
N PRO A 170 -4.41 -4.06 -10.07
CA PRO A 170 -5.55 -4.37 -10.95
C PRO A 170 -5.32 -5.58 -11.84
N PRO A 171 -4.12 -5.81 -12.38
CA PRO A 171 -3.90 -7.04 -13.17
C PRO A 171 -4.08 -8.34 -12.39
N LEU A 172 -4.09 -8.30 -11.07
CA LEU A 172 -4.43 -9.48 -10.28
C LEU A 172 -5.93 -9.74 -10.24
N VAL A 173 -6.77 -8.73 -10.48
CA VAL A 173 -8.19 -8.84 -10.17
C VAL A 173 -9.12 -8.42 -11.32
N GLY A 174 -8.61 -8.39 -12.55
CA GLY A 174 -9.48 -8.32 -13.71
C GLY A 174 -9.30 -7.14 -14.65
N TRP A 175 -8.45 -6.17 -14.36
CA TRP A 175 -8.14 -5.12 -15.33
C TRP A 175 -6.73 -5.41 -15.84
N SER A 176 -6.65 -5.80 -17.12
CA SER A 176 -5.47 -6.42 -17.70
C SER A 176 -5.14 -7.71 -16.96
N ARG A 177 -3.93 -8.22 -17.15
CA ARG A 177 -3.49 -9.49 -16.58
C ARG A 177 -1.98 -9.60 -16.76
N TYR A 178 -1.35 -10.41 -15.93
CA TYR A 178 0.06 -10.73 -16.11
C TYR A 178 0.19 -11.94 -17.01
N ILE A 179 1.14 -11.87 -17.94
CA ILE A 179 1.29 -12.89 -18.98
C ILE A 179 2.78 -13.12 -19.22
N PRO A 180 3.22 -14.36 -19.47
CA PRO A 180 4.64 -14.59 -19.70
C PRO A 180 5.12 -13.92 -20.98
N GLU A 181 6.41 -13.60 -21.00
CA GLU A 181 7.02 -12.88 -22.12
C GLU A 181 8.29 -13.58 -22.57
N GLY A 182 8.66 -13.33 -23.83
CA GLY A 182 9.97 -13.76 -24.32
C GLY A 182 10.05 -15.27 -24.41
N MET A 183 11.08 -15.83 -23.78
CA MET A 183 11.26 -17.27 -23.65
C MET A 183 10.26 -17.91 -22.62
N GLN A 184 9.31 -17.09 -22.16
CA GLN A 184 8.20 -17.49 -21.29
C GLN A 184 8.63 -17.78 -19.85
N CYS A 185 9.81 -17.34 -19.42
CA CYS A 185 10.25 -17.58 -18.06
C CYS A 185 10.18 -16.35 -17.18
N SER A 186 9.55 -15.27 -17.64
CA SER A 186 9.24 -14.11 -16.82
C SER A 186 7.90 -13.55 -17.27
N CYS A 187 7.28 -12.73 -16.41
CA CYS A 187 5.91 -12.27 -16.65
C CYS A 187 5.81 -10.75 -16.55
N GLY A 188 4.89 -10.19 -17.33
CA GLY A 188 4.61 -8.77 -17.32
C GLY A 188 3.20 -8.45 -17.79
N ILE A 189 2.95 -7.17 -18.11
CA ILE A 189 1.62 -6.74 -18.55
C ILE A 189 1.34 -7.21 -19.97
N ASP A 190 0.08 -7.54 -20.24
CA ASP A 190 -0.36 -8.05 -21.54
C ASP A 190 -0.39 -6.91 -22.56
N TYR A 191 0.68 -6.78 -23.35
CA TYR A 191 0.69 -5.87 -24.50
C TYR A 191 0.35 -6.58 -25.80
N TYR A 192 0.01 -7.87 -25.75
CA TYR A 192 0.02 -8.73 -26.93
C TYR A 192 -1.36 -8.99 -27.52
N THR A 193 -2.40 -9.08 -26.70
CA THR A 193 -3.72 -9.50 -27.15
C THR A 193 -4.77 -8.48 -26.78
N PRO A 194 -5.89 -8.44 -27.53
CA PRO A 194 -7.00 -7.54 -27.16
C PRO A 194 -7.65 -7.93 -25.85
N HIS A 195 -8.05 -9.20 -25.75
CA HIS A 195 -8.69 -9.81 -24.58
C HIS A 195 -9.70 -8.89 -23.90
N GLU A 196 -10.81 -8.57 -24.56
CA GLU A 196 -11.75 -7.57 -24.08
C GLU A 196 -12.34 -7.89 -22.71
N GLU A 197 -12.29 -9.15 -22.27
CA GLU A 197 -12.81 -9.50 -20.95
C GLU A 197 -12.11 -8.74 -19.83
N THR A 198 -10.81 -8.46 -19.98
CA THR A 198 -10.03 -7.76 -18.97
C THR A 198 -9.71 -6.32 -19.37
N ASN A 199 -10.31 -5.83 -20.45
CA ASN A 199 -10.17 -4.44 -20.91
C ASN A 199 -8.69 -4.05 -21.02
N ASN A 200 -7.97 -4.85 -21.81
CA ASN A 200 -6.51 -4.74 -21.86
C ASN A 200 -6.06 -3.36 -22.34
N GLU A 201 -6.72 -2.83 -23.37
CA GLU A 201 -6.23 -1.62 -24.03
C GLU A 201 -6.23 -0.42 -23.09
N SER A 202 -7.30 -0.24 -22.32
CA SER A 202 -7.37 0.96 -21.49
C SER A 202 -6.35 0.92 -20.35
N PHE A 203 -6.00 -0.27 -19.87
CA PHE A 203 -4.99 -0.34 -18.81
C PHE A 203 -3.61 0.06 -19.32
N VAL A 204 -3.24 -0.39 -20.51
CA VAL A 204 -1.92 -0.07 -21.04
C VAL A 204 -1.78 1.44 -21.25
N ILE A 205 -2.82 2.07 -21.79
N ILE A 205 -2.82 2.07 -21.79
CA ILE A 205 -2.82 3.52 -21.92
CA ILE A 205 -2.81 3.52 -21.92
C ILE A 205 -2.75 4.18 -20.55
C ILE A 205 -2.75 4.18 -20.55
N TYR A 206 -3.51 3.65 -19.58
CA TYR A 206 -3.45 4.17 -18.22
C TYR A 206 -2.06 3.98 -17.61
N MET A 207 -1.43 2.83 -17.83
CA MET A 207 -0.10 2.61 -17.27
C MET A 207 0.93 3.55 -17.87
N PHE A 208 0.88 3.78 -19.19
CA PHE A 208 1.90 4.60 -19.83
C PHE A 208 1.71 6.09 -19.51
N VAL A 209 0.47 6.54 -19.37
CA VAL A 209 0.21 7.96 -19.10
C VAL A 209 0.41 8.28 -17.62
N VAL A 210 -0.26 7.54 -16.74
CA VAL A 210 -0.23 7.88 -15.32
C VAL A 210 1.06 7.42 -14.65
N HIS A 211 1.63 6.29 -15.07
CA HIS A 211 2.76 5.71 -14.36
C HIS A 211 4.05 5.65 -15.19
N PHE A 212 4.09 6.28 -16.38
CA PHE A 212 5.37 6.59 -17.02
C PHE A 212 5.54 8.08 -17.35
N ILE A 213 4.57 8.69 -18.02
N ILE A 213 4.59 8.65 -18.08
CA ILE A 213 4.78 10.01 -18.60
CA ILE A 213 4.77 9.99 -18.65
C ILE A 213 4.58 11.11 -17.57
C ILE A 213 4.64 11.07 -17.58
N ILE A 214 3.54 11.00 -16.74
N ILE A 214 3.59 10.98 -16.77
CA ILE A 214 3.32 12.00 -15.70
CA ILE A 214 3.36 11.99 -15.75
C ILE A 214 4.48 12.08 -14.71
C ILE A 214 4.50 12.07 -14.74
N PRO A 215 5.00 10.96 -14.18
CA PRO A 215 6.19 11.08 -13.30
C PRO A 215 7.40 11.73 -13.97
N LEU A 216 7.67 11.41 -15.24
CA LEU A 216 8.83 11.98 -15.92
C LEU A 216 8.66 13.48 -16.17
N ILE A 217 7.43 13.93 -16.43
CA ILE A 217 7.19 15.37 -16.57
C ILE A 217 7.53 16.08 -15.26
N VAL A 218 7.11 15.51 -14.13
CA VAL A 218 7.39 16.14 -12.84
C VAL A 218 8.89 16.15 -12.56
N ILE A 219 9.57 15.03 -12.83
CA ILE A 219 11.01 14.94 -12.56
C ILE A 219 11.76 15.98 -13.37
N PHE A 220 11.44 16.10 -14.66
CA PHE A 220 12.19 17.01 -15.53
C PHE A 220 11.73 18.45 -15.41
N PHE A 221 10.54 18.71 -14.85
CA PHE A 221 10.20 20.07 -14.50
C PHE A 221 11.03 20.55 -13.31
N CYS A 222 11.18 19.70 -12.29
CA CYS A 222 11.99 20.08 -11.13
C CYS A 222 13.45 20.25 -11.52
N TYR A 223 13.97 19.34 -12.33
CA TYR A 223 15.36 19.47 -12.77
C TYR A 223 15.55 20.73 -13.60
N GLY A 224 14.59 21.04 -14.46
CA GLY A 224 14.68 22.26 -15.26
C GLY A 224 14.75 23.51 -14.40
N GLN A 225 14.05 23.51 -13.27
CA GLN A 225 14.18 24.60 -12.31
C GLN A 225 15.57 24.64 -11.69
N LEU A 226 16.12 23.48 -11.34
CA LEU A 226 17.46 23.43 -10.76
C LEU A 226 18.50 24.02 -11.70
N VAL A 227 18.46 23.65 -12.98
CA VAL A 227 19.48 24.08 -13.93
C VAL A 227 19.34 25.57 -14.21
N PHE A 228 18.17 26.00 -14.68
CA PHE A 228 17.98 27.37 -15.16
C PHE A 228 17.29 28.25 -14.12
N THR A 229 17.95 28.49 -12.99
CA THR A 229 17.46 29.52 -12.06
C THR A 229 18.01 30.89 -12.44
N GLN A 244 25.35 23.21 1.71
CA GLN A 244 25.88 23.70 0.44
C GLN A 244 26.70 22.61 -0.24
N LYS A 245 27.87 22.32 0.33
CA LYS A 245 28.61 21.14 -0.08
C LYS A 245 27.85 19.87 0.29
N ALA A 246 27.19 19.86 1.45
CA ALA A 246 26.40 18.71 1.85
C ALA A 246 25.15 18.55 0.98
N GLU A 247 24.55 19.66 0.57
CA GLU A 247 23.38 19.57 -0.29
C GLU A 247 23.77 19.24 -1.73
N LYS A 248 24.96 19.65 -2.17
CA LYS A 248 25.42 19.31 -3.50
C LYS A 248 25.60 17.81 -3.67
N GLU A 249 26.13 17.15 -2.64
CA GLU A 249 26.33 15.70 -2.70
C GLU A 249 25.02 14.98 -2.91
N VAL A 250 23.96 15.39 -2.21
CA VAL A 250 22.66 14.74 -2.37
C VAL A 250 22.11 14.97 -3.77
N THR A 251 22.17 16.21 -4.25
CA THR A 251 21.68 16.51 -5.60
C THR A 251 22.43 15.71 -6.65
N ARG A 252 23.75 15.58 -6.50
CA ARG A 252 24.53 14.79 -7.42
C ARG A 252 24.08 13.33 -7.41
N MET A 253 23.79 12.78 -6.23
CA MET A 253 23.35 11.39 -6.17
C MET A 253 21.97 11.21 -6.81
N VAL A 254 21.06 12.16 -6.60
CA VAL A 254 19.73 12.02 -7.19
C VAL A 254 19.82 12.05 -8.71
N ILE A 255 20.77 12.81 -9.26
CA ILE A 255 20.94 12.88 -10.71
C ILE A 255 21.30 11.51 -11.27
N ILE A 256 22.25 10.83 -10.62
CA ILE A 256 22.68 9.51 -11.09
C ILE A 256 21.56 8.49 -10.93
N MET A 257 20.79 8.61 -9.84
CA MET A 257 19.64 7.71 -9.64
C MET A 257 18.66 7.80 -10.80
N VAL A 258 18.42 9.01 -11.31
CA VAL A 258 17.51 9.17 -12.43
C VAL A 258 18.11 8.58 -13.70
N ILE A 259 19.40 8.87 -13.95
CA ILE A 259 20.07 8.34 -15.14
C ILE A 259 20.09 6.81 -15.11
N ALA A 260 20.40 6.23 -13.95
CA ALA A 260 20.42 4.78 -13.83
C ALA A 260 19.06 4.18 -14.07
N PHE A 261 18.00 4.84 -13.59
CA PHE A 261 16.63 4.35 -13.83
C PHE A 261 16.30 4.34 -15.31
N LEU A 262 16.67 5.40 -16.03
CA LEU A 262 16.37 5.47 -17.46
C LEU A 262 17.10 4.38 -18.23
N ILE A 263 18.37 4.15 -17.89
CA ILE A 263 19.13 3.06 -18.51
C ILE A 263 18.42 1.73 -18.26
N CYS A 264 17.92 1.54 -17.04
CA CYS A 264 17.33 0.26 -16.68
C CYS A 264 16.00 0.01 -17.39
N TRP A 265 15.15 1.04 -17.50
CA TRP A 265 13.76 0.79 -17.90
C TRP A 265 13.40 1.26 -19.31
N LEU A 266 14.16 2.17 -19.91
CA LEU A 266 13.81 2.63 -21.26
C LEU A 266 13.83 1.53 -22.32
N PRO A 267 14.81 0.62 -22.37
CA PRO A 267 14.73 -0.46 -23.37
C PRO A 267 13.47 -1.31 -23.24
N TYR A 268 13.10 -1.70 -22.02
CA TYR A 268 11.88 -2.48 -21.83
C TYR A 268 10.65 -1.68 -22.25
N ALA A 269 10.60 -0.40 -21.85
CA ALA A 269 9.44 0.44 -22.16
C ALA A 269 9.27 0.63 -23.66
N GLY A 270 10.38 0.81 -24.38
CA GLY A 270 10.29 1.00 -25.83
C GLY A 270 9.81 -0.25 -26.55
N VAL A 271 10.34 -1.42 -26.20
CA VAL A 271 9.93 -2.65 -26.85
C VAL A 271 8.47 -2.95 -26.55
N ALA A 272 8.08 -2.80 -25.28
CA ALA A 272 6.69 -3.08 -24.89
C ALA A 272 5.71 -2.18 -25.64
N PHE A 273 6.07 -0.89 -25.79
CA PHE A 273 5.21 0.02 -26.54
C PHE A 273 5.19 -0.33 -28.03
N TYR A 274 6.30 -0.84 -28.57
CA TYR A 274 6.31 -1.27 -29.96
C TYR A 274 5.38 -2.46 -30.17
N ILE A 275 5.41 -3.43 -29.26
CA ILE A 275 4.53 -4.58 -29.39
C ILE A 275 3.08 -4.14 -29.33
N PHE A 276 2.75 -3.27 -28.38
CA PHE A 276 1.38 -2.82 -28.19
C PHE A 276 0.80 -2.18 -29.44
N THR A 277 1.63 -1.54 -30.26
CA THR A 277 1.19 -0.87 -31.47
C THR A 277 1.43 -1.70 -32.73
N HIS A 278 1.99 -2.90 -32.59
CA HIS A 278 2.23 -3.82 -33.69
C HIS A 278 1.85 -5.24 -33.27
N GLN A 279 0.66 -5.38 -32.70
CA GLN A 279 0.23 -6.68 -32.21
C GLN A 279 0.14 -7.69 -33.36
N GLY A 280 0.65 -8.90 -33.12
CA GLY A 280 0.62 -9.96 -34.10
C GLY A 280 1.72 -9.94 -35.14
N SER A 281 2.65 -8.98 -35.06
CA SER A 281 3.73 -8.89 -36.03
C SER A 281 4.77 -9.98 -35.76
N ASP A 282 5.76 -10.06 -36.64
CA ASP A 282 6.74 -11.16 -36.60
C ASP A 282 7.91 -10.75 -35.71
N PHE A 283 7.85 -11.17 -34.44
CA PHE A 283 8.99 -11.05 -33.53
C PHE A 283 9.21 -12.39 -32.85
N GLY A 284 10.42 -12.61 -32.37
CA GLY A 284 10.78 -13.85 -31.74
C GLY A 284 10.89 -13.75 -30.23
N PRO A 285 11.25 -14.87 -29.59
CA PRO A 285 11.35 -14.86 -28.12
C PRO A 285 12.50 -14.02 -27.57
N ILE A 286 13.61 -13.90 -28.28
CA ILE A 286 14.72 -13.12 -27.75
C ILE A 286 14.38 -11.63 -27.74
N PHE A 287 13.41 -11.22 -28.55
CA PHE A 287 13.09 -9.80 -28.72
C PHE A 287 12.78 -9.12 -27.39
N MET A 288 11.93 -9.75 -26.56
CA MET A 288 11.61 -9.19 -25.26
C MET A 288 12.39 -9.85 -24.11
N THR A 289 13.09 -10.96 -24.37
CA THR A 289 13.77 -11.65 -23.27
C THR A 289 14.87 -10.77 -22.66
N ILE A 290 15.76 -10.25 -23.48
N ILE A 290 15.76 -10.25 -23.48
CA ILE A 290 16.92 -9.49 -23.00
CA ILE A 290 16.92 -9.50 -22.99
C ILE A 290 16.51 -8.20 -22.29
C ILE A 290 16.50 -8.21 -22.29
N PRO A 291 15.63 -7.37 -22.87
CA PRO A 291 15.18 -6.19 -22.11
C PRO A 291 14.41 -6.53 -20.85
N ALA A 292 13.73 -7.68 -20.82
CA ALA A 292 13.02 -8.09 -19.61
C ALA A 292 13.99 -8.44 -18.49
N PHE A 293 15.00 -9.27 -18.78
CA PHE A 293 15.92 -9.69 -17.74
C PHE A 293 16.97 -8.64 -17.42
N PHE A 294 17.26 -7.73 -18.34
CA PHE A 294 18.10 -6.59 -17.97
C PHE A 294 17.40 -5.73 -16.93
N ALA A 295 16.08 -5.60 -17.04
CA ALA A 295 15.31 -4.77 -16.12
C ALA A 295 15.37 -5.28 -14.69
N LYS A 296 15.64 -6.57 -14.49
CA LYS A 296 15.65 -7.16 -13.16
C LYS A 296 16.88 -6.78 -12.34
N THR A 297 17.85 -6.09 -12.94
CA THR A 297 18.93 -5.51 -12.15
C THR A 297 18.44 -4.38 -11.24
N SER A 298 17.19 -3.95 -11.40
CA SER A 298 16.64 -2.86 -10.61
C SER A 298 16.64 -3.17 -9.11
N ALA A 299 16.69 -4.43 -8.73
CA ALA A 299 16.61 -4.78 -7.32
C ALA A 299 17.94 -4.64 -6.57
N VAL A 300 19.04 -4.37 -7.27
N VAL A 300 19.05 -4.38 -7.27
CA VAL A 300 20.37 -4.40 -6.65
CA VAL A 300 20.36 -4.37 -6.60
C VAL A 300 21.08 -3.05 -6.77
C VAL A 300 21.07 -3.03 -6.74
N TYR A 301 20.79 -2.29 -7.82
CA TYR A 301 21.69 -1.19 -8.17
C TYR A 301 21.57 0.05 -7.27
N ASN A 302 20.39 0.32 -6.69
CA ASN A 302 20.25 1.55 -5.92
C ASN A 302 21.16 1.59 -4.70
N PRO A 303 21.25 0.54 -3.86
CA PRO A 303 22.20 0.61 -2.75
C PRO A 303 23.66 0.66 -3.18
N VAL A 304 23.99 0.22 -4.40
CA VAL A 304 25.35 0.39 -4.90
C VAL A 304 25.67 1.87 -5.08
N ILE A 305 24.76 2.60 -5.75
CA ILE A 305 24.91 4.05 -5.90
C ILE A 305 25.04 4.71 -4.52
N TYR A 306 24.21 4.27 -3.58
CA TYR A 306 24.21 4.81 -2.23
C TYR A 306 25.60 4.77 -1.62
N ILE A 307 26.26 3.61 -1.68
CA ILE A 307 27.57 3.46 -1.05
C ILE A 307 28.60 4.35 -1.72
N MET A 308 28.53 4.46 -3.06
CA MET A 308 29.55 5.20 -3.79
C MET A 308 29.40 6.71 -3.66
N MET A 309 28.19 7.20 -3.37
CA MET A 309 27.91 8.62 -3.52
C MET A 309 27.35 9.30 -2.27
N ASN A 310 27.24 8.60 -1.14
CA ASN A 310 26.87 9.24 0.13
C ASN A 310 27.91 8.88 1.18
N LYS A 311 28.75 9.86 1.53
CA LYS A 311 29.87 9.62 2.44
C LYS A 311 29.39 9.21 3.83
N GLN A 312 28.33 9.87 4.32
CA GLN A 312 27.84 9.56 5.66
C GLN A 312 27.34 8.12 5.74
N PHE A 313 26.53 7.69 4.77
CA PHE A 313 26.04 6.32 4.78
C PHE A 313 27.18 5.32 4.63
N ARG A 314 28.14 5.61 3.77
CA ARG A 314 29.26 4.70 3.57
C ARG A 314 30.09 4.53 4.84
N ASN A 315 30.31 5.62 5.57
CA ASN A 315 31.06 5.53 6.82
C ASN A 315 30.28 4.72 7.86
N CYS A 316 28.97 4.91 7.94
CA CYS A 316 28.15 4.12 8.86
C CYS A 316 28.19 2.63 8.51
N MET A 317 28.14 2.30 7.22
CA MET A 317 28.21 0.90 6.83
C MET A 317 29.54 0.29 7.26
N VAL A 318 30.64 0.98 6.99
CA VAL A 318 31.96 0.48 7.39
C VAL A 318 32.03 0.32 8.90
N THR A 319 31.50 1.29 9.64
CA THR A 319 31.48 1.20 11.10
C THR A 319 30.69 -0.02 11.57
N THR A 320 29.51 -0.24 11.00
CA THR A 320 28.67 -1.36 11.42
C THR A 320 29.29 -2.69 11.03
N LEU A 321 29.74 -2.82 9.78
CA LEU A 321 30.29 -4.09 9.31
C LEU A 321 31.64 -4.42 9.95
N CYS A 322 32.38 -3.41 10.41
CA CYS A 322 33.67 -3.63 11.06
C CYS A 322 33.58 -3.36 12.56
N MET B 1 11.19 16.33 28.63
CA MET B 1 10.05 16.15 27.74
C MET B 1 9.94 17.31 26.77
N ASN B 2 9.56 17.00 25.53
CA ASN B 2 9.44 18.01 24.48
C ASN B 2 8.01 18.47 24.26
N GLY B 3 7.03 17.83 24.89
CA GLY B 3 5.65 18.28 24.82
C GLY B 3 5.15 18.69 26.19
N THR B 4 3.84 18.86 26.34
CA THR B 4 3.24 19.31 27.59
C THR B 4 2.19 18.32 28.04
N GLU B 5 2.36 17.77 29.24
CA GLU B 5 1.39 16.84 29.81
C GLU B 5 0.48 17.58 30.77
N GLY B 6 -0.83 17.35 30.63
CA GLY B 6 -1.80 17.82 31.59
C GLY B 6 -2.56 16.66 32.18
N PRO B 7 -3.61 16.96 32.95
CA PRO B 7 -4.34 15.88 33.64
C PRO B 7 -4.97 14.87 32.70
N ASN B 8 -5.46 15.31 31.55
CA ASN B 8 -6.13 14.41 30.62
C ASN B 8 -5.75 14.69 29.16
N PHE B 9 -4.55 15.24 28.93
CA PHE B 9 -4.11 15.54 27.58
C PHE B 9 -2.59 15.48 27.52
N TYR B 10 -2.06 15.39 26.28
CA TYR B 10 -0.64 15.54 26.02
C TYR B 10 -0.49 16.34 24.73
N VAL B 11 -0.02 17.58 24.85
CA VAL B 11 0.14 18.43 23.67
C VAL B 11 1.55 18.27 23.12
N PRO B 12 1.72 17.97 21.84
CA PRO B 12 3.06 17.85 21.25
C PRO B 12 3.69 19.21 20.94
N PHE B 13 3.83 20.04 21.97
CA PHE B 13 4.32 21.41 21.83
C PHE B 13 4.88 21.84 23.17
N SER B 14 6.09 22.40 23.16
CA SER B 14 6.73 22.81 24.41
C SER B 14 6.08 24.05 25.01
N ASN B 15 5.86 24.02 26.33
CA ASN B 15 5.36 25.19 27.04
C ASN B 15 6.48 26.04 27.62
N LYS B 16 7.67 26.02 27.02
CA LYS B 16 8.75 26.85 27.54
C LYS B 16 8.45 28.34 27.37
N THR B 17 7.51 28.70 26.48
CA THR B 17 7.12 30.08 26.28
C THR B 17 5.78 30.42 26.90
N GLY B 18 5.10 29.46 27.53
CA GLY B 18 3.90 29.74 28.28
C GLY B 18 2.60 29.79 27.50
N VAL B 19 2.59 29.39 26.22
CA VAL B 19 1.41 29.58 25.39
C VAL B 19 0.48 28.38 25.35
N VAL B 20 0.92 27.22 25.85
CA VAL B 20 0.11 26.01 25.72
C VAL B 20 -1.15 26.13 26.56
N ARG B 21 -2.30 25.83 25.95
CA ARG B 21 -3.57 25.84 26.64
C ARG B 21 -4.29 24.52 26.39
N SER B 22 -5.09 24.11 27.37
CA SER B 22 -5.73 22.81 27.32
C SER B 22 -6.62 22.71 26.08
N PRO B 23 -6.60 21.58 25.36
CA PRO B 23 -7.48 21.41 24.20
C PRO B 23 -8.95 21.26 24.56
N PHE B 24 -9.28 21.21 25.84
CA PHE B 24 -10.66 21.24 26.30
C PHE B 24 -11.10 22.63 26.76
N GLU B 25 -10.23 23.63 26.64
CA GLU B 25 -10.55 24.96 27.17
C GLU B 25 -10.47 26.08 26.16
N ALA B 26 -9.62 25.98 25.13
CA ALA B 26 -9.37 27.13 24.27
C ALA B 26 -8.91 26.64 22.91
N PRO B 27 -9.09 27.45 21.86
CA PRO B 27 -8.57 27.09 20.54
C PRO B 27 -7.06 26.90 20.56
N GLN B 28 -6.59 26.00 19.69
CA GLN B 28 -5.19 25.58 19.67
C GLN B 28 -4.40 26.35 18.62
N TYR B 29 -4.70 27.64 18.45
CA TYR B 29 -4.07 28.46 17.43
C TYR B 29 -2.58 28.70 17.67
N TYR B 30 -2.08 28.41 18.88
CA TYR B 30 -0.67 28.60 19.14
C TYR B 30 0.20 27.55 18.44
N LEU B 31 -0.36 26.43 18.01
CA LEU B 31 0.43 25.37 17.37
C LEU B 31 0.10 25.17 15.88
N ALA B 32 -0.81 25.96 15.32
CA ALA B 32 -1.15 25.85 13.91
C ALA B 32 -2.00 27.04 13.53
N GLU B 33 -1.97 27.39 12.24
N GLU B 33 -1.97 27.39 12.24
CA GLU B 33 -2.73 28.53 11.76
CA GLU B 33 -2.72 28.50 11.69
C GLU B 33 -4.19 28.15 11.53
C GLU B 33 -4.20 28.15 11.56
N PRO B 34 -5.10 29.14 11.62
CA PRO B 34 -6.53 28.84 11.46
C PRO B 34 -6.88 28.22 10.11
N TRP B 35 -6.16 28.56 9.04
CA TRP B 35 -6.44 27.93 7.75
C TRP B 35 -6.13 26.44 7.78
N GLN B 36 -5.18 26.01 8.61
CA GLN B 36 -4.90 24.60 8.76
C GLN B 36 -6.07 23.86 9.41
N PHE B 37 -6.67 24.45 10.45
CA PHE B 37 -7.85 23.85 11.07
C PHE B 37 -9.02 23.81 10.08
N SER B 38 -9.18 24.86 9.27
N SER B 38 -9.17 24.86 9.28
CA SER B 38 -10.29 24.90 8.33
CA SER B 38 -10.26 24.92 8.30
C SER B 38 -10.15 23.85 7.23
C SER B 38 -10.16 23.81 7.28
N MET B 39 -8.93 23.39 6.94
CA MET B 39 -8.77 22.26 6.04
C MET B 39 -9.26 20.96 6.66
N LEU B 40 -9.01 20.76 7.96
CA LEU B 40 -9.55 19.60 8.66
C LEU B 40 -11.08 19.60 8.61
N ALA B 41 -11.70 20.74 8.93
CA ALA B 41 -13.16 20.82 8.95
C ALA B 41 -13.76 20.60 7.56
N ALA B 42 -13.13 21.17 6.53
CA ALA B 42 -13.63 20.97 5.18
C ALA B 42 -13.53 19.51 4.76
N TYR B 43 -12.42 18.86 5.10
CA TYR B 43 -12.24 17.44 4.81
C TYR B 43 -13.27 16.60 5.55
N MET B 44 -13.58 16.95 6.80
CA MET B 44 -14.59 16.21 7.55
C MET B 44 -15.97 16.40 6.96
N PHE B 45 -16.31 17.62 6.52
CA PHE B 45 -17.61 17.87 5.92
C PHE B 45 -17.79 17.04 4.65
N LEU B 46 -16.73 16.87 3.88
N LEU B 46 -16.71 16.86 3.88
CA LEU B 46 -16.81 16.03 2.69
CA LEU B 46 -16.78 16.03 2.69
C LEU B 46 -17.13 14.59 3.07
C LEU B 46 -17.08 14.58 3.03
N LEU B 47 -16.41 14.04 4.04
CA LEU B 47 -16.59 12.64 4.40
C LEU B 47 -17.99 12.38 4.95
N ILE B 48 -18.53 13.33 5.71
CA ILE B 48 -19.90 13.19 6.22
C ILE B 48 -20.89 13.16 5.05
N MET B 49 -20.74 14.10 4.11
CA MET B 49 -21.73 14.22 3.03
C MET B 49 -21.64 13.11 2.00
N LEU B 50 -20.48 12.43 1.89
CA LEU B 50 -20.37 11.25 1.05
C LEU B 50 -20.64 9.98 1.84
N GLY B 51 -20.16 9.92 3.07
CA GLY B 51 -20.30 8.70 3.87
C GLY B 51 -21.75 8.32 4.15
N PHE B 52 -22.58 9.31 4.52
CA PHE B 52 -23.98 8.97 4.82
C PHE B 52 -24.71 8.39 3.62
N PRO B 53 -24.70 9.01 2.43
CA PRO B 53 -25.48 8.45 1.32
C PRO B 53 -24.96 7.12 0.79
N ILE B 54 -23.65 6.95 0.66
N ILE B 54 -23.65 6.96 0.65
CA ILE B 54 -23.14 5.72 0.07
CA ILE B 54 -23.12 5.73 0.08
C ILE B 54 -23.28 4.53 1.01
C ILE B 54 -23.40 4.54 1.01
N ASN B 55 -23.36 4.77 2.32
CA ASN B 55 -23.58 3.68 3.25
C ASN B 55 -25.08 3.42 3.46
N PHE B 56 -25.91 4.47 3.49
CA PHE B 56 -27.34 4.24 3.55
C PHE B 56 -27.82 3.49 2.32
N LEU B 57 -27.31 3.85 1.15
N LEU B 57 -27.32 3.85 1.14
CA LEU B 57 -27.71 3.17 -0.08
CA LEU B 57 -27.72 3.16 -0.09
C LEU B 57 -27.31 1.70 -0.07
C LEU B 57 -27.31 1.69 -0.07
N THR B 58 -26.12 1.40 0.44
CA THR B 58 -25.67 0.01 0.52
C THR B 58 -26.54 -0.78 1.48
N LEU B 59 -26.92 -0.18 2.60
CA LEU B 59 -27.87 -0.81 3.51
C LEU B 59 -29.21 -1.05 2.81
N TYR B 60 -29.73 -0.01 2.15
CA TYR B 60 -31.06 -0.07 1.58
C TYR B 60 -31.16 -1.13 0.49
N VAL B 61 -30.19 -1.15 -0.43
CA VAL B 61 -30.19 -2.12 -1.52
C VAL B 61 -30.12 -3.54 -0.98
N THR B 62 -29.26 -3.79 0.01
CA THR B 62 -29.10 -5.13 0.54
C THR B 62 -30.43 -5.67 1.10
N VAL B 63 -31.12 -4.85 1.91
CA VAL B 63 -32.36 -5.28 2.52
C VAL B 63 -33.45 -5.47 1.47
N GLN B 64 -33.45 -4.63 0.42
CA GLN B 64 -34.51 -4.69 -0.59
C GLN B 64 -34.42 -5.96 -1.43
N HIS B 65 -33.22 -6.47 -1.68
CA HIS B 65 -33.01 -7.58 -2.61
C HIS B 65 -32.67 -8.82 -1.80
N LYS B 66 -33.61 -9.76 -1.73
CA LYS B 66 -33.44 -10.98 -0.93
C LYS B 66 -32.41 -11.93 -1.52
N LYS B 67 -31.99 -11.73 -2.77
CA LYS B 67 -30.95 -12.56 -3.36
C LYS B 67 -29.58 -12.28 -2.75
N LEU B 68 -29.40 -11.14 -2.09
CA LEU B 68 -28.09 -10.74 -1.57
C LEU B 68 -27.96 -11.25 -0.13
N ARG B 69 -27.70 -12.55 -0.01
CA ARG B 69 -27.55 -13.17 1.31
C ARG B 69 -26.35 -14.12 1.36
N THR B 70 -25.33 -13.87 0.55
CA THR B 70 -24.08 -14.60 0.68
C THR B 70 -23.30 -14.08 1.88
N PRO B 71 -22.29 -14.82 2.34
CA PRO B 71 -21.45 -14.30 3.43
C PRO B 71 -20.85 -12.92 3.11
N LEU B 72 -20.48 -12.69 1.85
CA LEU B 72 -19.99 -11.37 1.45
C LEU B 72 -21.07 -10.31 1.61
N ASN B 73 -22.31 -10.62 1.21
CA ASN B 73 -23.38 -9.64 1.32
C ASN B 73 -23.66 -9.26 2.77
N TYR B 74 -23.61 -10.25 3.67
CA TYR B 74 -23.84 -9.96 5.09
C TYR B 74 -22.75 -9.08 5.66
N ILE B 75 -21.49 -9.40 5.38
CA ILE B 75 -20.38 -8.65 5.93
C ILE B 75 -20.40 -7.21 5.43
N LEU B 76 -20.67 -7.01 4.14
CA LEU B 76 -20.71 -5.65 3.60
C LEU B 76 -21.88 -4.87 4.18
N LEU B 77 -23.03 -5.52 4.41
CA LEU B 77 -24.12 -4.85 5.10
C LEU B 77 -23.72 -4.46 6.51
N ASN B 78 -23.00 -5.34 7.21
CA ASN B 78 -22.52 -5.01 8.54
C ASN B 78 -21.59 -3.81 8.51
N LEU B 79 -20.67 -3.76 7.53
CA LEU B 79 -19.75 -2.63 7.43
C LEU B 79 -20.50 -1.32 7.15
N ALA B 80 -21.54 -1.39 6.31
CA ALA B 80 -22.36 -0.20 6.05
C ALA B 80 -23.01 0.32 7.34
N VAL B 81 -23.50 -0.58 8.19
CA VAL B 81 -24.12 -0.16 9.45
C VAL B 81 -23.09 0.44 10.39
N ALA B 82 -21.91 -0.19 10.50
CA ALA B 82 -20.86 0.36 11.35
C ALA B 82 -20.35 1.69 10.79
N ASP B 83 -20.29 1.82 9.46
CA ASP B 83 -19.88 3.08 8.86
C ASP B 83 -20.84 4.21 9.23
N LEU B 84 -22.15 3.92 9.29
CA LEU B 84 -23.11 4.96 9.66
C LEU B 84 -22.94 5.39 11.10
N PHE B 85 -22.58 4.47 11.99
CA PHE B 85 -22.27 4.84 13.36
C PHE B 85 -21.04 5.73 13.44
N MET B 86 -20.03 5.48 12.60
CA MET B 86 -18.86 6.36 12.55
C MET B 86 -19.24 7.76 12.11
N VAL B 87 -20.09 7.88 11.09
CA VAL B 87 -20.41 9.20 10.53
C VAL B 87 -21.22 10.03 11.51
N PHE B 88 -22.30 9.47 12.07
CA PHE B 88 -23.19 10.25 12.92
C PHE B 88 -22.77 10.24 14.38
N GLY B 89 -22.24 9.12 14.86
CA GLY B 89 -21.80 9.06 16.24
C GLY B 89 -20.47 9.78 16.43
N GLY B 90 -19.55 9.61 15.49
CA GLY B 90 -18.22 10.18 15.66
C GLY B 90 -17.87 11.39 14.82
N PHE B 91 -18.21 11.37 13.53
CA PHE B 91 -17.72 12.41 12.61
C PHE B 91 -18.40 13.75 12.85
N THR B 92 -19.60 13.75 13.42
CA THR B 92 -20.26 15.00 13.75
C THR B 92 -19.48 15.76 14.83
N THR B 93 -18.85 15.06 15.76
CA THR B 93 -18.02 15.74 16.75
C THR B 93 -16.71 16.24 16.15
N THR B 94 -16.09 15.44 15.25
CA THR B 94 -14.86 15.89 14.62
C THR B 94 -15.07 17.20 13.87
N LEU B 95 -16.16 17.30 13.12
CA LEU B 95 -16.42 18.51 12.34
C LEU B 95 -16.60 19.72 13.24
N TYR B 96 -17.41 19.57 14.29
CA TYR B 96 -17.65 20.66 15.21
C TYR B 96 -16.38 21.09 15.93
N THR B 97 -15.57 20.12 16.35
CA THR B 97 -14.29 20.40 16.99
C THR B 97 -13.34 21.13 16.05
N SER B 98 -13.35 20.73 14.76
CA SER B 98 -12.43 21.32 13.80
C SER B 98 -12.84 22.74 13.41
N LEU B 99 -14.14 23.06 13.51
CA LEU B 99 -14.59 24.42 13.22
C LEU B 99 -14.12 25.42 14.28
N HIS B 100 -14.09 25.01 15.55
CA HIS B 100 -13.71 25.93 16.61
C HIS B 100 -12.25 25.82 17.01
N GLY B 101 -11.57 24.73 16.64
CA GLY B 101 -10.18 24.56 16.96
C GLY B 101 -9.89 23.88 18.29
N TYR B 102 -10.88 23.28 18.93
CA TYR B 102 -10.67 22.52 20.17
C TYR B 102 -11.95 21.78 20.52
N PHE B 103 -11.83 20.85 21.47
CA PHE B 103 -12.97 20.04 21.91
C PHE B 103 -13.85 20.88 22.81
N VAL B 104 -14.75 21.64 22.17
CA VAL B 104 -15.70 22.48 22.91
C VAL B 104 -16.53 21.63 23.86
N PHE B 105 -16.93 20.43 23.41
CA PHE B 105 -17.71 19.53 24.25
C PHE B 105 -16.85 18.75 25.23
N GLY B 106 -15.54 19.03 25.28
CA GLY B 106 -14.67 18.51 26.31
C GLY B 106 -14.42 17.02 26.23
N PRO B 107 -14.05 16.43 27.37
CA PRO B 107 -13.71 14.99 27.38
C PRO B 107 -14.82 14.08 26.88
N THR B 108 -16.09 14.45 27.11
CA THR B 108 -17.19 13.68 26.54
C THR B 108 -17.13 13.67 25.03
N GLY B 109 -16.85 14.82 24.42
CA GLY B 109 -16.74 14.89 22.97
C GLY B 109 -15.58 14.08 22.45
N CYS B 110 -14.46 14.08 23.19
CA CYS B 110 -13.31 13.25 22.84
C CYS B 110 -13.67 11.77 22.90
N ASN B 111 -14.43 11.35 23.92
CA ASN B 111 -14.84 9.96 24.03
C ASN B 111 -15.74 9.55 22.86
N LEU B 112 -16.63 10.44 22.43
CA LEU B 112 -17.46 10.13 21.27
C LEU B 112 -16.63 10.00 19.99
N GLU B 113 -15.68 10.91 19.78
CA GLU B 113 -14.90 10.88 18.54
C GLU B 113 -14.02 9.63 18.47
N GLY B 114 -13.35 9.29 19.57
CA GLY B 114 -12.49 8.12 19.61
C GLY B 114 -13.21 6.78 19.64
N PHE B 115 -14.29 6.65 20.41
CA PHE B 115 -14.95 5.36 20.57
C PHE B 115 -15.50 4.85 19.24
N PHE B 116 -16.19 5.71 18.50
CA PHE B 116 -16.87 5.24 17.29
C PHE B 116 -15.88 4.97 16.16
N ALA B 117 -14.73 5.64 16.16
CA ALA B 117 -13.71 5.35 15.16
C ALA B 117 -12.92 4.09 15.52
N THR B 118 -12.69 3.85 16.81
CA THR B 118 -12.05 2.60 17.22
C THR B 118 -12.99 1.42 17.05
N LEU B 119 -14.28 1.61 17.36
CA LEU B 119 -15.26 0.55 17.16
C LEU B 119 -15.38 0.19 15.69
N GLY B 120 -15.57 1.19 14.83
CA GLY B 120 -15.77 0.91 13.42
C GLY B 120 -14.55 0.31 12.75
N GLY B 121 -13.35 0.75 13.15
CA GLY B 121 -12.13 0.20 12.57
C GLY B 121 -11.92 -1.25 12.92
N GLU B 122 -12.21 -1.63 14.17
CA GLU B 122 -12.03 -3.01 14.59
C GLU B 122 -13.11 -3.94 14.04
N ILE B 123 -14.32 -3.43 13.78
CA ILE B 123 -15.32 -4.24 13.09
C ILE B 123 -14.83 -4.60 11.70
N ALA B 124 -14.19 -3.65 11.01
CA ALA B 124 -13.64 -3.91 9.69
C ALA B 124 -12.50 -4.92 9.75
N LEU B 125 -11.64 -4.83 10.76
CA LEU B 125 -10.51 -5.76 10.83
C LEU B 125 -10.98 -7.18 11.13
N TRP B 126 -11.89 -7.35 12.10
CA TRP B 126 -12.35 -8.69 12.39
C TRP B 126 -13.29 -9.21 11.31
N SER B 127 -13.91 -8.33 10.53
CA SER B 127 -14.68 -8.79 9.38
C SER B 127 -13.77 -9.40 8.33
N LEU B 128 -12.59 -8.81 8.11
CA LEU B 128 -11.62 -9.40 7.18
C LEU B 128 -11.13 -10.76 7.67
N VAL B 129 -11.04 -10.95 9.00
CA VAL B 129 -10.75 -12.28 9.54
C VAL B 129 -11.85 -13.26 9.17
N VAL B 130 -13.12 -12.83 9.30
CA VAL B 130 -14.23 -13.70 8.97
C VAL B 130 -14.21 -14.07 7.49
N LEU B 131 -13.96 -13.10 6.61
CA LEU B 131 -13.94 -13.38 5.18
C LEU B 131 -12.74 -14.25 4.79
N ALA B 132 -11.62 -14.10 5.48
CA ALA B 132 -10.45 -14.93 5.15
C ALA B 132 -10.70 -16.39 5.48
N ILE B 133 -11.34 -16.65 6.63
CA ILE B 133 -11.73 -18.01 6.97
C ILE B 133 -12.76 -18.54 5.98
N GLU B 134 -13.72 -17.70 5.58
CA GLU B 134 -14.75 -18.13 4.64
C GLU B 134 -14.14 -18.51 3.29
N ARG B 135 -13.21 -17.68 2.79
CA ARG B 135 -12.54 -18.00 1.54
C ARG B 135 -11.73 -19.28 1.64
N TYR B 136 -11.01 -19.45 2.75
CA TYR B 136 -10.20 -20.65 2.94
C TYR B 136 -11.07 -21.90 2.94
N VAL B 137 -12.20 -21.87 3.65
CA VAL B 137 -13.07 -23.03 3.68
C VAL B 137 -13.68 -23.29 2.31
N VAL B 138 -14.11 -22.22 1.61
CA VAL B 138 -14.82 -22.38 0.35
C VAL B 138 -13.88 -22.88 -0.75
N VAL B 139 -12.68 -22.32 -0.83
CA VAL B 139 -11.77 -22.61 -1.94
C VAL B 139 -10.92 -23.84 -1.68
N CYS B 140 -10.38 -23.97 -0.47
CA CYS B 140 -9.51 -25.10 -0.15
C CYS B 140 -10.28 -26.32 0.35
N LYS B 141 -11.55 -26.15 0.70
CA LYS B 141 -12.44 -27.21 1.18
C LYS B 141 -11.76 -28.13 2.20
N PRO B 142 -11.22 -27.58 3.30
CA PRO B 142 -10.51 -28.42 4.26
C PRO B 142 -11.45 -29.14 5.22
N ARG B 147 -19.69 -26.78 5.01
CA ARG B 147 -19.75 -25.60 4.15
C ARG B 147 -20.07 -24.35 4.95
N PHE B 148 -19.35 -23.26 4.66
CA PHE B 148 -19.62 -21.96 5.27
C PHE B 148 -20.92 -21.42 4.68
N GLY B 149 -21.99 -21.41 5.48
CA GLY B 149 -23.29 -21.00 5.03
C GLY B 149 -23.77 -19.73 5.70
N GLU B 150 -25.09 -19.54 5.65
CA GLU B 150 -25.70 -18.32 6.17
C GLU B 150 -25.49 -18.18 7.68
N ASN B 151 -25.64 -19.28 8.42
CA ASN B 151 -25.50 -19.23 9.87
C ASN B 151 -24.10 -18.79 10.27
N HIS B 152 -23.07 -19.34 9.60
CA HIS B 152 -21.69 -18.98 9.95
C HIS B 152 -21.41 -17.52 9.66
N ALA B 153 -21.96 -17.00 8.56
CA ALA B 153 -21.77 -15.59 8.23
C ALA B 153 -22.40 -14.69 9.30
N ILE B 154 -23.62 -15.01 9.71
CA ILE B 154 -24.29 -14.19 10.72
C ILE B 154 -23.60 -14.35 12.07
N MET B 155 -23.19 -15.57 12.42
CA MET B 155 -22.39 -15.76 13.63
C MET B 155 -21.12 -14.94 13.57
N GLY B 156 -20.50 -14.86 12.39
CA GLY B 156 -19.34 -14.00 12.22
C GLY B 156 -19.65 -12.53 12.42
N VAL B 157 -20.85 -12.10 12.03
CA VAL B 157 -21.21 -10.69 12.20
C VAL B 157 -21.26 -10.32 13.67
N ALA B 158 -21.97 -11.13 14.48
CA ALA B 158 -21.99 -10.89 15.92
C ALA B 158 -20.61 -10.99 16.54
N PHE B 159 -19.77 -11.89 16.00
CA PHE B 159 -18.41 -12.03 16.50
C PHE B 159 -17.62 -10.74 16.34
N THR B 160 -17.82 -10.01 15.22
CA THR B 160 -17.03 -8.79 15.01
C THR B 160 -17.38 -7.72 16.04
N TRP B 161 -18.65 -7.61 16.43
CA TRP B 161 -19.04 -6.59 17.42
C TRP B 161 -18.50 -6.92 18.81
N VAL B 162 -18.47 -8.21 19.16
CA VAL B 162 -17.95 -8.63 20.46
C VAL B 162 -16.46 -8.28 20.58
N MET B 163 -15.69 -8.60 19.54
CA MET B 163 -14.26 -8.32 19.58
C MET B 163 -13.98 -6.82 19.50
N ALA B 164 -14.75 -6.10 18.69
CA ALA B 164 -14.52 -4.66 18.54
C ALA B 164 -14.87 -3.92 19.82
N LEU B 165 -15.96 -4.32 20.49
CA LEU B 165 -16.31 -3.73 21.78
C LEU B 165 -15.28 -4.08 22.85
N ALA B 166 -14.67 -5.27 22.76
CA ALA B 166 -13.63 -5.65 23.70
C ALA B 166 -12.39 -4.77 23.59
N CYS B 167 -12.23 -4.06 22.47
CA CYS B 167 -11.15 -3.11 22.25
C CYS B 167 -11.58 -1.67 22.50
N ALA B 168 -12.75 -1.26 22.00
CA ALA B 168 -13.16 0.15 22.06
C ALA B 168 -13.71 0.56 23.42
N ALA B 169 -14.29 -0.37 24.19
CA ALA B 169 -15.02 -0.04 25.41
C ALA B 169 -14.17 0.21 26.66
N PRO B 170 -13.13 -0.57 26.95
CA PRO B 170 -12.39 -0.38 28.22
C PRO B 170 -11.83 1.03 28.38
N PRO B 171 -11.36 1.70 27.31
CA PRO B 171 -10.93 3.11 27.50
C PRO B 171 -12.03 4.05 27.95
N LEU B 172 -13.30 3.66 27.81
CA LEU B 172 -14.38 4.44 28.39
C LEU B 172 -14.50 4.26 29.90
N VAL B 173 -14.03 3.14 30.45
CA VAL B 173 -14.37 2.77 31.82
C VAL B 173 -13.16 2.43 32.68
N GLY B 174 -11.99 2.96 32.33
CA GLY B 174 -10.85 2.94 33.23
C GLY B 174 -9.66 2.07 32.86
N TRP B 175 -9.63 1.47 31.67
CA TRP B 175 -8.43 0.82 31.16
C TRP B 175 -7.97 1.60 29.93
N SER B 176 -6.81 2.23 30.03
CA SER B 176 -6.38 3.27 29.10
C SER B 176 -7.41 4.39 29.07
N ARG B 177 -7.33 5.26 28.07
CA ARG B 177 -8.25 6.39 27.93
C ARG B 177 -8.12 6.93 26.52
N TYR B 178 -9.14 7.66 26.08
CA TYR B 178 -9.08 8.37 24.81
C TYR B 178 -8.54 9.77 25.05
N ILE B 179 -7.63 10.20 24.17
CA ILE B 179 -6.90 11.45 24.40
C ILE B 179 -6.73 12.15 23.05
N PRO B 180 -6.77 13.47 22.99
CA PRO B 180 -6.59 14.16 21.71
C PRO B 180 -5.18 13.97 21.16
N GLU B 181 -5.07 14.00 19.83
CA GLU B 181 -3.82 13.75 19.13
C GLU B 181 -3.57 14.82 18.08
N GLY B 182 -2.30 14.97 17.69
CA GLY B 182 -1.91 15.85 16.61
C GLY B 182 -2.18 17.31 16.88
N MET B 183 -2.97 17.95 16.01
CA MET B 183 -3.47 19.30 16.22
C MET B 183 -4.60 19.37 17.29
N GLN B 184 -4.88 18.23 17.91
CA GLN B 184 -5.80 18.07 19.05
C GLN B 184 -7.27 18.12 18.64
N CYS B 185 -7.59 17.91 17.37
CA CYS B 185 -8.98 17.91 16.92
C CYS B 185 -9.51 16.51 16.61
N SER B 186 -8.79 15.46 17.02
CA SER B 186 -9.30 14.09 16.96
C SER B 186 -8.70 13.33 18.13
N CYS B 187 -9.32 12.18 18.46
CA CYS B 187 -8.95 11.44 19.65
C CYS B 187 -8.62 9.98 19.33
N GLY B 188 -7.70 9.42 20.13
CA GLY B 188 -7.28 8.04 19.99
C GLY B 188 -6.83 7.45 21.31
N ILE B 189 -6.15 6.30 21.27
CA ILE B 189 -5.66 5.67 22.49
C ILE B 189 -4.44 6.43 23.00
N ASP B 190 -4.26 6.43 24.33
CA ASP B 190 -3.16 7.18 24.95
C ASP B 190 -1.87 6.39 24.80
N TYR B 191 -1.09 6.73 23.76
CA TYR B 191 0.25 6.18 23.57
C TYR B 191 1.33 7.05 24.21
N TYR B 192 0.93 8.15 24.85
CA TYR B 192 1.84 9.25 25.14
C TYR B 192 2.32 9.30 26.58
N THR B 193 1.49 8.89 27.55
CA THR B 193 1.78 9.06 28.96
C THR B 193 1.65 7.72 29.69
N PRO B 194 2.40 7.53 30.79
CA PRO B 194 2.27 6.28 31.55
C PRO B 194 0.94 6.18 32.29
N HIS B 195 0.55 7.25 33.00
CA HIS B 195 -0.73 7.36 33.69
C HIS B 195 -1.16 6.08 34.40
N GLU B 196 -0.41 5.69 35.43
CA GLU B 196 -0.59 4.37 36.05
C GLU B 196 -2.00 4.15 36.56
N GLU B 197 -2.74 5.21 36.89
CA GLU B 197 -4.10 5.05 37.39
C GLU B 197 -4.99 4.29 36.40
N THR B 198 -4.70 4.39 35.10
CA THR B 198 -5.48 3.68 34.09
C THR B 198 -4.73 2.50 33.47
N ASN B 199 -3.53 2.19 33.96
CA ASN B 199 -2.76 1.04 33.48
C ASN B 199 -2.58 1.10 31.96
N ASN B 200 -2.09 2.24 31.49
CA ASN B 200 -2.02 2.49 30.05
C ASN B 200 -1.18 1.46 29.34
N GLU B 201 -0.03 1.09 29.92
CA GLU B 201 0.95 0.28 29.20
C GLU B 201 0.38 -1.08 28.84
N SER B 202 -0.32 -1.72 29.78
CA SER B 202 -0.86 -3.05 29.50
C SER B 202 -1.91 -3.02 28.39
N PHE B 203 -2.71 -1.95 28.31
CA PHE B 203 -3.74 -1.90 27.28
C PHE B 203 -3.14 -1.78 25.88
N VAL B 204 -2.08 -0.98 25.71
CA VAL B 204 -1.48 -0.83 24.38
C VAL B 204 -0.92 -2.16 23.91
N ILE B 205 -0.24 -2.89 24.80
N ILE B 205 -0.24 -2.88 24.80
CA ILE B 205 0.27 -4.20 24.45
CA ILE B 205 0.28 -4.20 24.46
C ILE B 205 -0.88 -5.15 24.11
C ILE B 205 -0.88 -5.14 24.12
N TYR B 206 -1.95 -5.10 24.90
CA TYR B 206 -3.13 -5.92 24.61
C TYR B 206 -3.75 -5.54 23.26
N MET B 207 -3.89 -4.24 23.00
CA MET B 207 -4.50 -3.80 21.75
C MET B 207 -3.70 -4.26 20.53
N PHE B 208 -2.37 -4.11 20.58
CA PHE B 208 -1.56 -4.46 19.41
C PHE B 208 -1.45 -5.97 19.21
N VAL B 209 -1.54 -6.75 20.28
CA VAL B 209 -1.33 -8.19 20.16
C VAL B 209 -2.62 -8.89 19.76
N VAL B 210 -3.70 -8.64 20.50
N VAL B 210 -3.71 -8.66 20.48
CA VAL B 210 -4.97 -9.30 20.28
CA VAL B 210 -4.93 -9.39 20.16
C VAL B 210 -5.71 -8.69 19.09
C VAL B 210 -5.82 -8.68 19.14
N HIS B 211 -5.66 -7.37 18.95
CA HIS B 211 -6.46 -6.65 17.98
C HIS B 211 -5.65 -6.06 16.82
N PHE B 212 -4.37 -6.44 16.66
CA PHE B 212 -3.66 -6.17 15.42
C PHE B 212 -2.96 -7.42 14.86
N ILE B 213 -2.08 -8.02 15.67
CA ILE B 213 -1.19 -9.06 15.17
CA ILE B 213 -1.19 -9.05 15.17
C ILE B 213 -1.93 -10.38 14.98
N ILE B 214 -2.68 -10.81 15.98
CA ILE B 214 -3.42 -12.07 15.87
C ILE B 214 -4.36 -12.08 14.67
N PRO B 215 -5.18 -11.03 14.44
CA PRO B 215 -5.98 -11.01 13.20
C PRO B 215 -5.14 -11.10 11.92
N LEU B 216 -4.00 -10.40 11.85
CA LEU B 216 -3.19 -10.44 10.64
C LEU B 216 -2.61 -11.83 10.41
N ILE B 217 -2.17 -12.48 11.48
CA ILE B 217 -1.66 -13.85 11.37
C ILE B 217 -2.71 -14.77 10.76
N VAL B 218 -3.96 -14.63 11.19
CA VAL B 218 -5.04 -15.48 10.68
C VAL B 218 -5.27 -15.21 9.20
N ILE B 219 -5.32 -13.93 8.82
CA ILE B 219 -5.60 -13.57 7.43
C ILE B 219 -4.53 -14.13 6.50
N PHE B 220 -3.27 -13.91 6.84
CA PHE B 220 -2.20 -14.35 5.97
C PHE B 220 -1.98 -15.85 6.02
N PHE B 221 -2.41 -16.52 7.10
CA PHE B 221 -2.43 -17.98 7.08
C PHE B 221 -3.41 -18.49 6.03
N CYS B 222 -4.65 -17.96 6.06
CA CYS B 222 -5.66 -18.40 5.10
C CYS B 222 -5.25 -18.05 3.68
N TYR B 223 -4.66 -16.87 3.48
CA TYR B 223 -4.16 -16.51 2.16
C TYR B 223 -3.04 -17.43 1.71
N GLY B 224 -2.10 -17.75 2.62
CA GLY B 224 -1.02 -18.64 2.27
C GLY B 224 -1.51 -20.00 1.83
N GLN B 225 -2.54 -20.52 2.51
CA GLN B 225 -3.16 -21.76 2.08
C GLN B 225 -3.84 -21.62 0.73
N LEU B 226 -4.39 -20.44 0.43
CA LEU B 226 -4.99 -20.21 -0.88
C LEU B 226 -3.95 -20.27 -2.00
N VAL B 227 -2.79 -19.64 -1.79
CA VAL B 227 -1.81 -19.50 -2.85
C VAL B 227 -1.11 -20.83 -3.13
N PHE B 228 -0.69 -21.53 -2.10
CA PHE B 228 0.01 -22.81 -2.27
C PHE B 228 -0.94 -24.00 -2.21
N THR B 229 -2.02 -23.94 -2.97
CA THR B 229 -2.98 -25.05 -3.04
C THR B 229 -3.99 -24.81 -4.18
N GLN B 244 -17.08 -21.12 -9.70
CA GLN B 244 -15.66 -21.05 -10.05
C GLN B 244 -15.29 -19.64 -10.49
N LYS B 245 -15.93 -19.18 -11.57
CA LYS B 245 -15.79 -17.79 -11.96
C LYS B 245 -16.50 -16.88 -10.96
N ALA B 246 -17.64 -17.33 -10.43
CA ALA B 246 -18.34 -16.56 -9.41
C ALA B 246 -17.58 -16.56 -8.08
N GLU B 247 -16.91 -17.67 -7.76
CA GLU B 247 -16.08 -17.68 -6.56
C GLU B 247 -14.82 -16.85 -6.74
N LYS B 248 -14.26 -16.85 -7.95
CA LYS B 248 -13.05 -16.05 -8.21
C LYS B 248 -13.33 -14.57 -8.02
N GLU B 249 -14.50 -14.10 -8.46
CA GLU B 249 -14.83 -12.68 -8.32
C GLU B 249 -14.89 -12.26 -6.85
N VAL B 250 -15.30 -13.16 -5.96
CA VAL B 250 -15.36 -12.83 -4.54
C VAL B 250 -13.96 -12.85 -3.93
N THR B 251 -13.16 -13.87 -4.24
CA THR B 251 -11.79 -13.90 -3.72
C THR B 251 -11.02 -12.67 -4.18
N ARG B 252 -11.26 -12.21 -5.40
CA ARG B 252 -10.56 -11.04 -5.89
C ARG B 252 -10.92 -9.79 -5.10
N MET B 253 -12.18 -9.65 -4.70
CA MET B 253 -12.60 -8.47 -3.94
C MET B 253 -12.03 -8.49 -2.53
N VAL B 254 -11.97 -9.67 -1.90
CA VAL B 254 -11.44 -9.77 -0.55
C VAL B 254 -9.96 -9.42 -0.53
N ILE B 255 -9.22 -9.78 -1.59
CA ILE B 255 -7.81 -9.41 -1.66
C ILE B 255 -7.65 -7.90 -1.67
N ILE B 256 -8.48 -7.19 -2.45
CA ILE B 256 -8.39 -5.73 -2.51
C ILE B 256 -8.84 -5.11 -1.20
N MET B 257 -9.85 -5.71 -0.54
CA MET B 257 -10.29 -5.21 0.75
C MET B 257 -9.19 -5.26 1.79
N VAL B 258 -8.38 -6.32 1.78
CA VAL B 258 -7.28 -6.40 2.73
C VAL B 258 -6.20 -5.37 2.39
N ILE B 259 -5.86 -5.25 1.10
CA ILE B 259 -4.85 -4.28 0.67
C ILE B 259 -5.28 -2.86 1.04
N ALA B 260 -6.55 -2.52 0.78
CA ALA B 260 -7.04 -1.19 1.12
C ALA B 260 -6.97 -0.95 2.62
N PHE B 261 -7.27 -1.96 3.43
CA PHE B 261 -7.16 -1.83 4.88
C PHE B 261 -5.73 -1.54 5.31
N LEU B 262 -4.76 -2.24 4.70
CA LEU B 262 -3.36 -2.00 5.06
C LEU B 262 -2.92 -0.59 4.67
N ILE B 263 -3.32 -0.13 3.49
CA ILE B 263 -3.00 1.24 3.07
C ILE B 263 -3.58 2.25 4.05
N CYS B 264 -4.79 1.99 4.54
CA CYS B 264 -5.49 2.97 5.36
C CYS B 264 -4.92 3.04 6.79
N TRP B 265 -4.54 1.89 7.37
CA TRP B 265 -4.25 1.84 8.79
C TRP B 265 -2.79 1.63 9.14
N LEU B 266 -1.96 1.14 8.22
CA LEU B 266 -0.55 0.93 8.55
C LEU B 266 0.18 2.23 8.90
N PRO B 267 0.04 3.33 8.16
CA PRO B 267 0.72 4.56 8.59
C PRO B 267 0.34 4.99 10.00
N TYR B 268 -0.93 4.89 10.37
CA TYR B 268 -1.34 5.25 11.73
C TYR B 268 -0.75 4.28 12.75
N ALA B 269 -0.78 2.97 12.45
CA ALA B 269 -0.26 1.97 13.36
C ALA B 269 1.23 2.17 13.62
N GLY B 270 2.00 2.50 12.57
CA GLY B 270 3.43 2.68 12.74
C GLY B 270 3.78 3.88 13.60
N VAL B 271 3.10 5.02 13.34
CA VAL B 271 3.39 6.22 14.11
C VAL B 271 2.97 6.05 15.57
N ALA B 272 1.81 5.42 15.80
CA ALA B 272 1.37 5.17 17.17
C ALA B 272 2.38 4.31 17.92
N PHE B 273 2.85 3.24 17.29
CA PHE B 273 3.82 2.37 17.95
C PHE B 273 5.15 3.08 18.16
N TYR B 274 5.55 3.93 17.22
CA TYR B 274 6.79 4.69 17.40
C TYR B 274 6.69 5.63 18.60
N ILE B 275 5.56 6.31 18.75
CA ILE B 275 5.37 7.21 19.88
C ILE B 275 5.39 6.44 21.19
N PHE B 276 4.73 5.27 21.21
CA PHE B 276 4.63 4.48 22.43
C PHE B 276 6.00 4.04 22.93
N THR B 277 6.92 3.77 22.01
CA THR B 277 8.27 3.36 22.35
C THR B 277 9.25 4.52 22.43
N HIS B 278 8.77 5.75 22.24
CA HIS B 278 9.61 6.95 22.31
C HIS B 278 8.85 8.08 23.01
N GLN B 279 8.23 7.78 24.14
CA GLN B 279 7.43 8.78 24.83
C GLN B 279 8.29 9.96 25.26
N GLY B 280 7.76 11.16 25.02
CA GLY B 280 8.46 12.39 25.35
C GLY B 280 9.44 12.88 24.30
N SER B 281 9.60 12.16 23.19
CA SER B 281 10.56 12.54 22.17
C SER B 281 10.04 13.76 21.38
N ASP B 282 10.91 14.27 20.50
CA ASP B 282 10.69 15.53 19.81
C ASP B 282 9.87 15.30 18.54
N PHE B 283 8.56 15.48 18.63
CA PHE B 283 7.70 15.47 17.45
C PHE B 283 6.66 16.58 17.60
N GLY B 284 6.14 17.03 16.46
CA GLY B 284 5.19 18.12 16.43
C GLY B 284 3.76 17.67 16.17
N PRO B 285 2.83 18.63 16.10
CA PRO B 285 1.42 18.27 15.90
C PRO B 285 1.14 17.61 14.55
N ILE B 286 1.87 17.98 13.50
CA ILE B 286 1.58 17.43 12.18
C ILE B 286 1.98 15.96 12.10
N PHE B 287 2.84 15.50 13.01
CA PHE B 287 3.36 14.13 12.95
C PHE B 287 2.23 13.11 13.00
N MET B 288 1.26 13.29 13.90
CA MET B 288 0.14 12.36 13.99
C MET B 288 -1.11 12.87 13.29
N THR B 289 -1.20 14.16 12.97
CA THR B 289 -2.41 14.72 12.39
C THR B 289 -2.75 14.06 11.04
N ILE B 290 -1.78 13.98 10.15
N ILE B 290 -1.77 13.97 10.15
CA ILE B 290 -1.98 13.45 8.80
CA ILE B 290 -2.00 13.45 8.81
C ILE B 290 -2.36 11.97 8.82
C ILE B 290 -2.36 11.96 8.81
N PRO B 291 -1.62 11.09 9.52
CA PRO B 291 -2.06 9.68 9.58
C PRO B 291 -3.41 9.50 10.26
N ALA B 292 -3.73 10.34 11.24
CA ALA B 292 -5.00 10.20 11.94
C ALA B 292 -6.17 10.53 11.02
N PHE B 293 -6.08 11.64 10.27
CA PHE B 293 -7.21 12.02 9.43
C PHE B 293 -7.26 11.23 8.12
N PHE B 294 -6.12 10.72 7.64
CA PHE B 294 -6.14 9.80 6.51
C PHE B 294 -6.89 8.52 6.86
N ALA B 295 -6.77 8.06 8.11
CA ALA B 295 -7.44 6.84 8.53
C ALA B 295 -8.96 6.97 8.53
N LYS B 296 -9.47 8.19 8.68
CA LYS B 296 -10.92 8.39 8.74
C LYS B 296 -11.61 8.12 7.41
N THR B 297 -10.87 7.93 6.32
CA THR B 297 -11.49 7.47 5.08
C THR B 297 -12.04 6.06 5.20
N SER B 298 -11.77 5.37 6.31
CA SER B 298 -12.25 4.01 6.50
C SER B 298 -13.77 3.93 6.46
N ALA B 299 -14.46 5.01 6.81
CA ALA B 299 -15.92 5.00 6.81
C ALA B 299 -16.53 4.96 5.40
N VAL B 300 -15.75 5.18 4.35
CA VAL B 300 -16.29 5.42 3.02
C VAL B 300 -15.89 4.36 2.00
N TYR B 301 -14.64 3.86 2.06
CA TYR B 301 -14.08 3.20 0.87
C TYR B 301 -14.62 1.79 0.63
N ASN B 302 -15.10 1.08 1.65
CA ASN B 302 -15.53 -0.30 1.42
C ASN B 302 -16.71 -0.43 0.47
N PRO B 303 -17.78 0.37 0.58
CA PRO B 303 -18.84 0.28 -0.46
C PRO B 303 -18.37 0.69 -1.86
N VAL B 304 -17.30 1.50 -1.97
CA VAL B 304 -16.79 1.87 -3.30
C VAL B 304 -16.13 0.67 -3.97
N ILE B 305 -15.38 -0.13 -3.20
CA ILE B 305 -14.84 -1.39 -3.71
C ILE B 305 -15.97 -2.33 -4.09
N TYR B 306 -17.00 -2.39 -3.23
CA TYR B 306 -18.14 -3.28 -3.43
C TYR B 306 -18.82 -3.03 -4.77
N ILE B 307 -19.03 -1.75 -5.10
CA ILE B 307 -19.66 -1.38 -6.37
C ILE B 307 -18.76 -1.73 -7.55
N MET B 308 -17.45 -1.53 -7.40
N MET B 308 -17.45 -1.53 -7.40
CA MET B 308 -16.51 -1.76 -8.50
CA MET B 308 -16.52 -1.75 -8.51
C MET B 308 -16.23 -3.23 -8.75
C MET B 308 -16.21 -3.23 -8.74
N MET B 309 -16.33 -4.08 -7.71
CA MET B 309 -15.86 -5.46 -7.83
C MET B 309 -16.91 -6.53 -7.55
N ASN B 310 -18.21 -6.21 -7.53
CA ASN B 310 -19.24 -7.25 -7.39
C ASN B 310 -20.37 -6.91 -8.35
N LYS B 311 -20.44 -7.66 -9.47
CA LYS B 311 -21.36 -7.33 -10.54
C LYS B 311 -22.82 -7.43 -10.09
N GLN B 312 -23.16 -8.49 -9.34
CA GLN B 312 -24.53 -8.69 -8.90
C GLN B 312 -25.01 -7.52 -8.04
N PHE B 313 -24.19 -7.12 -7.07
CA PHE B 313 -24.58 -5.99 -6.22
C PHE B 313 -24.67 -4.70 -7.03
N ARG B 314 -23.73 -4.47 -7.94
CA ARG B 314 -23.74 -3.25 -8.75
C ARG B 314 -24.99 -3.18 -9.61
N ASN B 315 -25.45 -4.32 -10.15
CA ASN B 315 -26.68 -4.32 -10.92
C ASN B 315 -27.90 -4.07 -10.03
N CYS B 316 -27.90 -4.62 -8.82
CA CYS B 316 -29.00 -4.38 -7.90
C CYS B 316 -29.12 -2.90 -7.56
N MET B 317 -27.99 -2.23 -7.37
CA MET B 317 -28.02 -0.80 -7.05
C MET B 317 -28.58 0.02 -8.20
N VAL B 318 -28.17 -0.31 -9.44
CA VAL B 318 -28.71 0.40 -10.60
C VAL B 318 -30.21 0.16 -10.71
N THR B 319 -30.65 -1.08 -10.49
CA THR B 319 -32.07 -1.38 -10.48
C THR B 319 -32.80 -0.61 -9.39
N THR B 320 -32.22 -0.53 -8.19
CA THR B 320 -32.83 0.21 -7.10
C THR B 320 -32.81 1.71 -7.36
N LEU B 321 -31.67 2.24 -7.84
CA LEU B 321 -31.54 3.67 -8.08
C LEU B 321 -32.38 4.13 -9.26
N CYS B 322 -32.53 3.30 -10.29
CA CYS B 322 -33.29 3.68 -11.46
C CYS B 322 -34.59 2.88 -11.58
C1 NAG C . -0.31 -26.31 -31.81
C2 NAG C . -1.25 -26.28 -30.59
C3 NAG C . -1.56 -27.70 -30.10
C4 NAG C . -1.98 -28.62 -31.23
C5 NAG C . -0.96 -28.56 -32.36
C6 NAG C . -1.33 -29.39 -33.56
C7 NAG C . -1.26 -24.41 -28.98
C8 NAG C . -0.51 -23.74 -27.88
N2 NAG C . -0.68 -25.48 -29.52
O3 NAG C . -2.60 -27.64 -29.12
O4 NAG C . -2.05 -29.95 -30.73
O5 NAG C . -0.83 -27.20 -32.81
O6 NAG C . -2.53 -28.95 -34.16
O7 NAG C . -2.34 -24.00 -29.38
C1 NAG C . -3.34 -30.58 -30.91
C2 NAG C . -3.17 -32.08 -30.68
C3 NAG C . -4.50 -32.80 -30.84
C4 NAG C . -5.54 -32.17 -29.91
C5 NAG C . -5.63 -30.67 -30.18
C6 NAG C . -6.56 -29.95 -29.22
C7 NAG C . -0.94 -32.97 -31.20
C8 NAG C . -0.05 -33.51 -32.26
N2 NAG C . -2.18 -32.63 -31.59
O3 NAG C . -4.36 -34.18 -30.55
O4 NAG C . -6.82 -32.77 -30.12
O5 NAG C . -4.33 -30.07 -30.01
O6 NAG C . -6.35 -30.38 -27.88
O7 NAG C . -0.56 -32.82 -30.05
C1 NAG D . 2.01 26.86 30.26
C2 NAG D . 0.83 26.30 31.09
C3 NAG D . -0.04 27.43 31.66
C4 NAG D . 0.82 28.48 32.38
C5 NAG D . 1.92 28.96 31.46
C6 NAG D . 2.86 29.96 32.09
C7 NAG D . -0.15 24.12 30.49
C8 NAG D . -1.03 23.38 29.54
N2 NAG D . 0.00 25.42 30.26
O3 NAG D . -0.99 26.87 32.57
O4 NAG D . -0.01 29.59 32.72
O5 NAG D . 2.72 27.83 31.06
O6 NAG D . 3.39 29.49 33.32
O7 NAG D . 0.42 23.56 31.43
C1 NAG D . -0.10 29.78 34.15
C2 NAG D . -0.74 31.14 34.42
C3 NAG D . -0.89 31.37 35.91
C4 NAG D . -1.65 30.21 36.56
C5 NAG D . -0.99 28.88 36.20
C6 NAG D . -1.78 27.69 36.69
C7 NAG D . -0.29 32.75 32.63
C8 NAG D . 0.61 33.85 32.15
N2 NAG D . 0.03 32.21 33.81
O3 NAG D . -1.60 32.59 36.13
O4 NAG D . -1.66 30.37 37.97
O5 NAG D . -0.88 28.75 34.77
O6 NAG D . -3.17 27.93 36.60
O7 NAG D . -1.25 32.37 31.97
C ACE E . -0.88 -12.91 -38.95
O ACE E . 0.30 -12.60 -39.10
CH3 ACE E . -1.87 -12.86 -40.08
C1 RET F . 6.95 1.11 -16.92
C2 RET F . 7.61 2.48 -16.81
C3 RET F . 8.96 2.42 -16.18
C4 RET F . 8.83 1.89 -14.77
C5 RET F . 7.92 0.69 -14.65
C6 RET F . 7.22 0.23 -15.71
C7 RET F . 6.62 -1.09 -15.78
C8 RET F . 7.00 -2.23 -15.12
C9 RET F . 6.69 -3.54 -15.49
C10 RET F . 7.33 -4.63 -14.87
C11 RET F . 7.97 -5.70 -15.47
C12 RET F . 8.68 -6.71 -14.85
C13 RET F . 9.55 -7.64 -15.45
C14 RET F . 10.07 -8.74 -14.76
C15 RET F . 10.96 -9.66 -15.31
C16 RET F . 5.43 1.32 -17.09
C17 RET F . 7.49 0.42 -18.18
C18 RET F . 7.91 0.12 -13.26
C19 RET F . 5.70 -3.83 -16.55
C20 RET F . 9.94 -7.40 -16.86
C1 NAG G . 3.31 -11.43 -39.61
C2 NAG G . 2.50 -10.13 -39.58
C3 NAG G . 2.37 -9.58 -41.00
C4 NAG G . 3.75 -9.40 -41.63
C5 NAG G . 4.52 -10.71 -41.56
C6 NAG G . 5.95 -10.56 -42.04
C7 NAG G . 0.50 -9.35 -38.40
C8 NAG G . -0.84 -9.73 -37.83
N2 NAG G . 1.19 -10.33 -38.99
O3 NAG G . 1.68 -8.33 -40.97
O4 NAG G . 3.61 -8.99 -42.97
O5 NAG G . 4.59 -11.19 -40.21
O6 NAG G . 6.57 -9.42 -41.50
O7 NAG G . 0.93 -8.20 -38.33
O1 DAO H . 15.89 -7.36 -27.88
O2 DAO H . 15.47 -5.33 -28.69
C1 DAO H . 16.16 -6.15 -28.04
C2 DAO H . 17.44 -5.59 -27.42
C3 DAO H . 17.29 -4.54 -26.32
C4 DAO H . 18.54 -4.39 -25.48
C5 DAO H . 18.27 -4.33 -23.99
C6 DAO H . 19.46 -4.76 -23.14
C7 DAO H . 20.62 -3.78 -23.17
C8 DAO H . 21.85 -4.32 -22.45
C9 DAO H . 22.96 -3.30 -22.23
C10 DAO H . 24.20 -3.91 -21.58
C11 DAO H . 24.97 -2.94 -20.69
C18 OLC I . 19.26 8.30 -20.97
C10 OLC I . 16.90 1.83 -27.05
C9 OLC I . 15.64 1.64 -26.77
C17 OLC I . 19.94 6.97 -21.19
C11 OLC I . 17.76 2.90 -26.46
C8 OLC I . 14.83 0.47 -27.21
C24 OLC I . 11.75 -7.03 -34.29
C16 OLC I . 19.14 5.99 -22.03
C12 OLC I . 17.92 2.75 -24.98
C7 OLC I . 13.84 0.79 -28.29
C15 OLC I . 19.82 4.66 -22.16
C13 OLC I . 18.75 3.84 -24.32
C6 OLC I . 13.07 -0.42 -28.79
C14 OLC I . 18.99 3.59 -22.85
C5 OLC I . 12.47 -0.24 -30.16
C4 OLC I . 11.92 -1.52 -30.74
C3 OLC I . 11.84 -1.56 -32.26
C2 OLC I . 11.97 -2.95 -32.77
C21 OLC I . 11.32 -4.95 -35.65
C1 OLC I . 11.81 -3.10 -34.25
C22 OLC I . 11.65 -6.42 -35.67
O19 OLC I . 11.49 -2.24 -35.03
O25 OLC I . 12.07 -8.41 -34.33
O23 OLC I . 10.65 -7.11 -36.43
O20 OLC I . 12.12 -4.35 -34.61
C10 OLC J . 7.23 0.09 4.46
C9 OLC J . 8.39 0.54 4.86
C11 OLC J . 6.86 -1.35 4.46
C8 OLC J . 8.78 1.97 5.09
C12 OLC J . 5.49 -1.62 3.92
C7 OLC J . 10.18 2.09 5.63
C15 OLC J . 3.21 -4.78 3.71
C13 OLC J . 5.05 -3.07 4.06
C6 OLC J . 10.50 3.43 6.29
C14 OLC J . 3.69 -3.37 3.48
C5 OLC J . 9.60 3.77 7.45
C4 OLC J . 10.05 4.96 8.25
C3 OLC J . 11.28 4.71 9.10
C2 OLC J . 10.97 3.88 10.32
C1 OLC J . 12.17 3.57 11.15
O19 OLC J . 13.08 2.87 10.82
O20 OLC J . 12.12 4.18 12.35
C10 OLC K . 5.45 5.39 -25.09
C9 OLC K . 4.80 6.45 -24.69
C11 OLC K . 6.85 5.38 -25.63
C8 OLC K . 3.42 6.47 -24.10
C12 OLC K . 7.81 4.66 -24.75
C7 OLC K . 2.46 7.35 -24.84
C13 OLC K . 9.25 4.70 -25.22
C10 OLC L . 20.14 -12.51 -20.04
C9 OLC L . 20.92 -13.24 -20.79
C11 OLC L . 20.53 -11.31 -19.23
C8 OLC L . 20.52 -14.55 -21.41
C12 OLC L . 21.09 -10.18 -20.04
C7 OLC L . 20.55 -14.56 -22.91
C13 OLC L . 21.45 -8.96 -19.22
C6 OLC L . 20.07 -15.86 -23.52
C14 OLC L . 22.07 -7.83 -20.01
C5 OLC L . 20.18 -15.92 -25.02
C10 OLC M . 27.84 7.10 -12.94
C9 OLC M . 28.52 7.09 -11.83
C11 OLC M . 27.33 5.90 -13.68
C8 OLC M . 29.11 8.30 -11.17
C12 OLC M . 26.69 6.24 -14.99
C7 OLC M . 29.95 7.98 -9.99
C13 OLC M . 26.10 5.05 -15.73
C6 OLC M . 30.54 9.22 -9.32
C5 OLC M . 31.23 8.97 -8.01
C4 OLC M . 31.50 10.23 -7.22
C3 OLC M . 32.03 9.99 -5.82
C2 OLC M . 32.14 11.26 -5.04
C1 PLM N . 35.01 -4.38 7.71
O2 PLM N . 35.73 -4.64 8.71
C2 PLM N . 35.00 -5.44 6.56
C3 PLM N . 34.99 -4.90 5.14
C4 PLM N . 35.13 -6.00 4.08
C5 PLM N . 34.72 -5.58 2.67
C6 PLM N . 34.98 -6.67 1.62
C7 PLM N . 34.54 -6.29 0.20
C8 PLM N . 34.69 -7.43 -0.81
C9 PLM N . 33.48 -7.60 -1.74
CA PLM N . 33.59 -8.78 -2.71
CB PLM N . 32.35 -8.97 -3.60
C8 OLC O . 21.49 15.78 -18.48
C7 OLC O . 22.46 16.10 -17.39
C6 OLC O . 23.68 16.88 -17.86
C5 OLC O . 23.40 18.29 -18.32
C4 OLC O . 23.05 19.25 -17.21
C3 OLC O . 24.19 19.49 -16.23
C2 OLC O . 23.75 20.27 -15.03
C1 OLC O . 24.82 20.44 -13.99
O19 OLC O . 24.84 19.42 -13.13
O20 OLC O . 25.58 21.37 -13.92
C18 OLC P . 0.53 -2.98 1.94
C10 OLC P . 4.67 4.22 6.35
C9 OLC P . 5.16 4.02 7.56
C17 OLC P . 0.75 -1.54 1.54
C11 OLC P . 4.55 3.19 5.28
C8 OLC P . 5.19 5.03 8.66
C24 OLC P . 9.37 12.80 13.04
C16 OLC P . 1.19 -0.63 2.65
C12 OLC P . 3.13 2.98 4.87
C7 OLC P . 6.11 4.64 9.77
C15 OLC P . 1.22 0.82 2.23
C13 OLC P . 2.91 1.91 3.80
C6 OLC P . 6.34 5.73 10.81
C14 OLC P . 1.48 1.81 3.35
C5 OLC P . 7.65 5.62 11.53
C4 OLC P . 7.98 6.80 12.42
C3 OLC P . 9.45 7.17 12.42
C2 OLC P . 9.75 8.32 13.35
C21 OLC P . 10.32 10.78 14.24
C1 OLC P . 11.16 8.84 13.21
C22 OLC P . 10.36 12.28 14.07
O19 OLC P . 12.13 8.15 13.08
O25 OLC P . 9.19 14.21 13.14
O23 OLC P . 10.14 12.93 15.33
O20 OLC P . 11.20 10.16 13.29
C10 OLC Q . -7.79 -1.48 -7.37
C9 OLC Q . -8.17 -2.29 -8.33
C11 OLC Q . -6.50 -1.57 -6.62
C8 OLC Q . -9.50 -2.26 -9.01
C12 OLC Q . -6.31 -0.43 -5.66
C7 OLC Q . -9.64 -3.32 -10.05
C13 OLC Q . -5.02 -0.49 -4.88
C6 OLC Q . -11.06 -3.46 -10.59
C14 OLC Q . -4.75 0.74 -4.04
C5 OLC Q . -11.26 -4.67 -11.49
C4 OLC Q . -12.69 -4.96 -11.81
C3 OLC Q . -12.91 -6.30 -12.52
C2 OLC Q . -14.36 -6.58 -12.74
C ACE R . 12.44 16.24 28.19
O ACE R . 12.70 16.02 27.01
CH3 ACE R . 13.52 16.46 29.21
C1 RET S . -5.09 -0.69 15.38
C2 RET S . -4.81 -1.78 14.36
C3 RET S . -5.33 -1.46 13.00
C4 RET S . -6.84 -1.32 13.07
C5 RET S . -7.30 -0.48 14.22
C6 RET S . -6.44 -0.02 15.16
C7 RET S . -6.74 1.08 16.06
C8 RET S . -7.61 2.11 15.89
C9 RET S . -7.70 3.29 16.63
C10 RET S . -8.58 4.32 16.24
C11 RET S . -8.30 5.65 16.02
C12 RET S . -9.17 6.62 15.55
C13 RET S . -8.88 7.89 14.99
C14 RET S . -9.85 8.83 14.68
C15 RET S . -9.58 10.07 14.10
C16 RET S . -5.03 -1.31 16.78
C17 RET S . -3.97 0.37 15.27
C18 RET S . -8.79 -0.25 14.20
C19 RET S . -6.90 3.51 17.86
C20 RET S . -7.44 8.16 14.69
C1 NAG T . 13.45 15.79 23.52
C2 NAG T . 13.85 14.40 24.02
C3 NAG T . 15.37 14.32 24.17
C4 NAG T . 16.04 14.68 22.85
C5 NAG T . 15.55 16.03 22.36
C6 NAG T . 16.08 16.38 20.98
C7 NAG T . 12.72 12.86 25.56
C8 NAG T . 12.05 12.70 26.89
N2 NAG T . 13.19 14.07 25.27
O3 NAG T . 15.76 13.02 24.59
O4 NAG T . 17.45 14.70 23.01
O5 NAG T . 14.12 16.06 22.27
O6 NAG T . 15.94 15.29 20.09
O7 NAG T . 12.83 11.91 24.77
C10 OLC U . -26.23 -5.26 12.43
C9 OLC U . -25.76 -6.08 11.53
C11 OLC U . -25.61 -4.86 13.74
C8 OLC U . -26.50 -6.43 10.29
C12 OLC U . -26.44 -3.87 14.49
C7 OLC U . -26.82 -7.89 10.17
C15 OLC U . -26.16 -2.05 17.92
C13 OLC U . -25.85 -3.43 15.82
C6 OLC U . -28.16 -8.18 9.49
C14 OLC U . -26.71 -2.44 16.57
C5 OLC U . -28.38 -9.63 9.14
C4 OLC U . -29.79 -9.96 8.71
C3 OLC U . -30.37 -8.99 7.71
C2 OLC U . -31.74 -9.40 7.23
C21 OLC U . -33.91 -10.15 6.01
C1 OLC U . -32.41 -8.34 6.38
C22 OLC U . -35.21 -10.39 5.28
O19 OLC U . -31.96 -7.25 6.18
O20 OLC U . -33.56 -8.76 5.85
C8 OLC V . 0.39 -9.27 -1.78
C7 OLC V . -0.33 -9.80 -2.99
C6 OLC V . 0.39 -10.95 -3.68
C5 OLC V . -0.37 -11.51 -4.86
C4 OLC V . 0.29 -12.70 -5.52
C3 OLC V . -0.60 -13.40 -6.53
C2 OLC V . -1.83 -13.97 -5.91
C1 OLC V . -2.86 -14.41 -6.91
O19 OLC V . -2.36 -15.29 -7.77
O20 OLC V . -4.00 -14.02 -6.94
C10 OLC W . -3.14 9.98 -2.72
C9 OLC W . -2.44 9.14 -1.99
C11 OLC W . -4.08 9.61 -3.83
C8 OLC W . -1.43 9.54 -0.96
C24 OLC W . 3.11 12.21 9.28
C7 OLC W . -1.71 8.98 0.40
C6 OLC W . -0.70 9.41 1.46
C5 OLC W . -0.99 8.93 2.86
C4 OLC W . -0.08 9.50 3.91
C3 OLC W . -0.49 9.17 5.34
C2 OLC W . 0.23 10.00 6.35
C21 OLC W . 3.39 9.95 8.15
C1 OLC W . 1.64 9.58 6.60
C22 OLC W . 4.06 11.09 8.88
O19 OLC W . 2.17 8.59 6.17
O25 OLC W . 2.76 13.02 8.17
O23 OLC W . 4.72 10.59 10.04
O20 OLC W . 2.27 10.46 7.37
C18 OLC X . -6.44 11.56 0.20
C10 OLC X . -5.15 17.38 5.68
C9 OLC X . -5.01 18.46 6.39
C17 OLC X . -6.31 11.96 1.65
C11 OLC X . -6.43 16.66 5.39
C8 OLC X . -3.68 19.08 6.71
C16 OLC X . -4.96 12.55 1.99
C12 OLC X . -6.50 15.29 5.99
C7 OLC X . -3.75 20.21 7.69
C15 OLC X . -4.76 12.90 3.45
C13 OLC X . -5.49 14.30 5.42
C6 OLC X . -2.38 20.70 8.15
C14 OLC X . -5.73 13.93 3.98
C5 OLC X . -1.46 21.05 7.00
C4 OLC X . -0.03 21.31 7.42
C3 OLC X . 0.92 21.56 6.25
C2 OLC X . 2.34 21.68 6.68
C1 PLM Y . -29.44 5.27 -12.21
O2 PLM Y . -30.11 6.22 -12.72
C2 PLM Y . -28.13 5.68 -11.44
C3 PLM Y . -27.59 7.08 -11.76
C4 PLM Y . -26.32 7.45 -10.98
C5 PLM Y . -25.87 8.90 -11.23
C6 PLM Y . -24.48 9.24 -10.67
C10 OLC Z . 3.67 -3.22 15.57
C9 OLC Z . 3.69 -4.38 16.17
C11 OLC Z . 3.33 -3.01 14.13
C8 OLC Z . 4.11 -4.65 17.59
C12 OLC Z . 3.32 -1.58 13.70
C7 OLC Z . 5.26 -5.59 17.70
C13 OLC Z . 3.02 -1.37 12.23
#